data_3I39
#
_entry.id   3I39
#
_cell.length_a   111.279
_cell.length_b   75.834
_cell.length_c   71.099
_cell.angle_alpha   90.00
_cell.angle_beta   111.33
_cell.angle_gamma   90.00
#
_symmetry.space_group_name_H-M   'C 1 2 1'
#
loop_
_entity.id
_entity.type
_entity.pdbx_description
1 polymer 'Carbon monoxide dehydrogenase 2'
2 non-polymer 'IRON/SULFUR CLUSTER'
3 non-polymer 'FE2/S2 (INORGANIC) CLUSTER'
4 non-polymer 'FE(3)-NI(1)-S(4) CLUSTER'
5 non-polymer 'FE (II) ION'
6 non-polymer 'CYANIDE ION'
7 water water
#
_entity_poly.entity_id   1
_entity_poly.type   'polypeptide(L)'
_entity_poly.pdbx_seq_one_letter_code
;MGSSHHHHHHSSGLVPRGSHMARQNLKSTDRAVQQMLDKAKREGIQTVWDRYEAMKPQCGFGETGLCCRHCLQGPCRINP
FGDEPKVGICGATAEVIVARGLDRSIAAGAAGHSGHAKHLAHTLKKAVQGKAASYMIKDRTKLHSIAKRLGIPTEGQKDE
DIALEVAKAALADFHEKDTPVLWVTTVLPPSRVKVLSAHGLIPAGIDHEIAEIMHRTSMGCDADAQNLLLGGLRCSLADL
AGCYMGTDLADILFGTPAPVVTESNLGVLKADAVNVAVHGHNPVLSDIIVSVSKEMENEARAAGATGINVVGICCTGNEV
LMRHGIPACTHSVSQEMAMITGALDAMILDYQCIQPSVATIAECTGTTVITTMEMSKITGATHVNFAEEAAVENAKQILR
LAIDTFKRRKGKPVEIPNIKTKVVAGFSTEAIINALSKLNANDPLKPLIDNVVNGNIRGVCLFAGCNNVKVPQDQNFTTI
ARKLLKQNVLVVATGCGAGALMRHGFMDPANVDELCGDGLKAVLTAIGEANGLGGPLPPVLHMGSCVDNSRAVALVAALA
NRLGVDLDRLPVVASAAEAMHEKAVAIGTWAVTIGLPTHIGVLPPITGSLPVTQILTSSVKDITGGYFIVELDPETAADK
LLAAINERRAGLGLPW
;
_entity_poly.pdbx_strand_id   X
#
# COMPACT_ATOMS: atom_id res chain seq x y z
N ALA A 22 0.70 5.03 31.88
CA ALA A 22 0.57 4.22 30.63
C ALA A 22 1.94 3.90 30.04
N ARG A 23 2.21 2.61 29.85
CA ARG A 23 3.42 2.12 29.14
C ARG A 23 3.27 2.25 27.61
N GLN A 24 3.73 3.36 27.02
CA GLN A 24 3.31 3.69 25.63
C GLN A 24 4.05 2.85 24.61
N ASN A 25 5.09 2.16 25.06
CA ASN A 25 5.80 1.22 24.20
CA ASN A 25 5.80 1.22 24.19
C ASN A 25 5.01 -0.03 23.91
N LEU A 26 4.01 -0.30 24.73
CA LEU A 26 3.08 -1.40 24.44
C LEU A 26 2.14 -1.06 23.30
N LYS A 27 1.93 0.22 23.04
CA LYS A 27 1.09 0.70 21.94
CA LYS A 27 1.08 0.71 21.95
C LYS A 27 1.82 0.93 20.62
N SER A 28 2.96 1.60 20.70
CA SER A 28 3.76 1.87 19.53
C SER A 28 5.21 1.78 19.88
N THR A 29 5.99 1.19 19.00
CA THR A 29 7.43 1.20 19.13
C THR A 29 8.11 2.47 18.64
N ASP A 30 7.34 3.36 18.03
CA ASP A 30 7.82 4.64 17.56
CA ASP A 30 7.83 4.63 17.57
C ASP A 30 7.85 5.64 18.72
N ARG A 31 9.04 6.16 19.03
CA ARG A 31 9.17 7.08 20.15
CA ARG A 31 9.18 7.08 20.15
C ARG A 31 8.46 8.42 19.98
N ALA A 32 8.34 8.90 18.73
CA ALA A 32 7.58 10.13 18.46
C ALA A 32 6.13 9.89 18.80
N VAL A 33 5.62 8.75 18.36
CA VAL A 33 4.26 8.32 18.68
C VAL A 33 4.06 8.22 20.18
N GLN A 34 4.97 7.55 20.86
CA GLN A 34 4.87 7.51 22.34
C GLN A 34 4.79 8.88 23.00
N GLN A 35 5.54 9.83 22.48
CA GLN A 35 5.56 11.18 23.06
C GLN A 35 4.18 11.82 22.88
N MET A 36 3.57 11.58 21.72
CA MET A 36 2.27 12.17 21.41
C MET A 36 1.13 11.40 22.09
N LEU A 37 1.36 10.14 22.42
CA LEU A 37 0.43 9.44 23.24
C LEU A 37 0.39 10.03 24.65
N ASP A 38 1.54 10.40 25.19
CA ASP A 38 1.54 11.04 26.50
C ASP A 38 0.84 12.39 26.46
N LYS A 39 1.03 13.18 25.42
CA LYS A 39 0.36 14.43 25.28
C LYS A 39 -1.16 14.21 25.16
N ALA A 40 -1.59 13.30 24.27
CA ALA A 40 -3.00 13.01 24.15
C ALA A 40 -3.59 12.62 25.51
N LYS A 41 -2.87 11.81 26.30
CA LYS A 41 -3.43 11.36 27.56
C LYS A 41 -3.57 12.54 28.56
N ARG A 42 -2.56 13.41 28.62
CA ARG A 42 -2.67 14.65 29.44
C ARG A 42 -3.91 15.45 29.06
N GLU A 43 -4.06 15.64 27.76
CA GLU A 43 -5.05 16.51 27.22
C GLU A 43 -6.45 15.92 27.17
N GLY A 44 -6.57 14.64 27.48
CA GLY A 44 -7.87 13.96 27.44
C GLY A 44 -8.36 13.60 26.04
N ILE A 45 -7.45 13.58 25.08
CA ILE A 45 -7.85 13.29 23.70
C ILE A 45 -7.79 11.77 23.48
N GLN A 46 -8.94 11.18 23.16
CA GLN A 46 -9.01 9.73 22.90
C GLN A 46 -8.34 9.37 21.58
N THR A 47 -7.61 8.28 21.60
CA THR A 47 -6.87 7.78 20.43
C THR A 47 -7.43 6.45 19.98
N VAL A 48 -6.89 5.97 18.85
CA VAL A 48 -7.23 4.63 18.36
C VAL A 48 -6.94 3.54 19.40
N TRP A 49 -5.85 3.72 20.14
CA TRP A 49 -5.51 2.73 21.15
C TRP A 49 -6.53 2.71 22.29
N ASP A 50 -7.00 3.89 22.65
CA ASP A 50 -8.05 3.98 23.70
C ASP A 50 -9.34 3.35 23.22
N ARG A 51 -9.64 3.56 21.95
CA ARG A 51 -10.86 2.99 21.40
C ARG A 51 -10.78 1.46 21.25
N TYR A 52 -9.58 0.95 20.96
CA TYR A 52 -9.33 -0.46 21.02
C TYR A 52 -9.52 -1.03 22.44
N GLU A 53 -8.91 -0.39 23.44
CA GLU A 53 -9.06 -0.90 24.80
CA GLU A 53 -9.06 -0.88 24.82
C GLU A 53 -10.52 -0.97 25.19
N ALA A 54 -11.28 0.04 24.77
CA ALA A 54 -12.72 0.11 25.06
C ALA A 54 -13.50 -1.00 24.36
N MET A 55 -12.94 -1.58 23.30
CA MET A 55 -13.58 -2.67 22.56
C MET A 55 -13.37 -4.07 23.15
N LYS A 56 -12.36 -4.22 23.99
CA LYS A 56 -12.00 -5.54 24.54
C LYS A 56 -12.97 -5.97 25.60
N PRO A 57 -13.31 -7.26 25.65
CA PRO A 57 -12.88 -8.31 24.73
C PRO A 57 -13.70 -8.23 23.45
N GLN A 58 -13.04 -8.42 22.33
CA GLN A 58 -13.72 -8.44 21.03
C GLN A 58 -14.48 -9.73 20.82
N CYS A 59 -15.49 -9.67 19.97
CA CYS A 59 -16.35 -10.81 19.71
C CYS A 59 -15.61 -12.00 19.12
N GLY A 60 -15.70 -13.15 19.77
CA GLY A 60 -15.02 -14.34 19.29
C GLY A 60 -15.61 -15.00 18.04
N PHE A 61 -16.89 -14.75 17.72
CA PHE A 61 -17.45 -15.19 16.47
C PHE A 61 -16.81 -14.43 15.33
N GLY A 62 -16.82 -13.12 15.45
CA GLY A 62 -16.24 -12.29 14.40
C GLY A 62 -14.76 -12.52 14.23
N GLU A 63 -14.05 -12.77 15.32
CA GLU A 63 -12.60 -12.99 15.28
C GLU A 63 -12.30 -14.24 14.46
N THR A 64 -13.14 -15.28 14.58
N THR A 64 -13.11 -15.29 14.58
CA THR A 64 -12.91 -16.58 13.95
CA THR A 64 -12.86 -16.58 13.92
C THR A 64 -13.59 -16.73 12.59
C THR A 64 -13.54 -16.70 12.55
N GLY A 65 -14.31 -15.67 12.20
CA GLY A 65 -15.05 -15.70 10.97
C GLY A 65 -16.43 -16.33 11.03
N LEU A 66 -16.83 -16.81 12.22
CA LEU A 66 -18.02 -17.62 12.35
C LEU A 66 -19.22 -16.74 12.74
N CYS A 67 -19.44 -15.78 11.85
CA CYS A 67 -20.60 -14.88 11.90
C CYS A 67 -21.04 -14.50 10.52
N CYS A 68 -22.34 -14.54 10.25
CA CYS A 68 -22.85 -14.14 8.96
C CYS A 68 -24.02 -13.21 9.17
N ARG A 69 -24.06 -12.16 8.37
CA ARG A 69 -25.15 -11.19 8.36
C ARG A 69 -25.61 -10.97 6.93
N HIS A 70 -25.49 -11.99 6.10
CA HIS A 70 -25.80 -11.83 4.67
C HIS A 70 -27.27 -11.90 4.35
N CYS A 71 -28.11 -12.12 5.36
CA CYS A 71 -29.53 -11.92 5.15
C CYS A 71 -30.23 -11.52 6.41
N LEU A 72 -31.49 -11.13 6.31
CA LEU A 72 -32.23 -10.66 7.44
C LEU A 72 -32.79 -11.74 8.35
N GLN A 73 -32.44 -13.01 8.10
CA GLN A 73 -32.63 -14.04 9.09
C GLN A 73 -31.57 -14.00 10.15
N GLY A 74 -30.41 -13.45 9.78
CA GLY A 74 -29.35 -13.34 10.72
C GLY A 74 -29.58 -12.31 11.79
N PRO A 75 -28.57 -12.02 12.61
CA PRO A 75 -27.22 -12.53 12.47
C PRO A 75 -27.14 -13.98 12.92
N CYS A 76 -26.37 -14.74 12.14
CA CYS A 76 -26.04 -16.13 12.44
C CYS A 76 -24.64 -16.19 12.97
N ARG A 77 -24.40 -17.20 13.79
CA ARG A 77 -23.07 -17.51 14.30
C ARG A 77 -22.95 -19.00 14.50
N ILE A 78 -21.70 -19.45 14.56
CA ILE A 78 -21.40 -20.85 14.84
C ILE A 78 -20.38 -20.89 15.95
N ASN A 79 -20.65 -21.69 16.98
CA ASN A 79 -19.67 -21.83 18.08
C ASN A 79 -18.42 -22.46 17.51
N PRO A 80 -17.24 -21.87 17.79
CA PRO A 80 -16.04 -22.53 17.29
C PRO A 80 -15.90 -23.97 17.81
N PHE A 81 -16.35 -24.15 19.04
CA PHE A 81 -16.37 -25.45 19.71
C PHE A 81 -17.56 -25.51 20.64
N GLY A 82 -18.02 -26.75 20.88
CA GLY A 82 -19.08 -27.01 21.83
C GLY A 82 -20.34 -27.51 21.17
N ASP A 83 -21.43 -26.87 21.58
CA ASP A 83 -22.76 -27.31 21.18
C ASP A 83 -23.35 -26.23 20.26
N GLU A 84 -24.63 -26.35 20.00
CA GLU A 84 -25.27 -25.48 19.02
CA GLU A 84 -25.31 -25.47 19.05
C GLU A 84 -25.23 -24.01 19.48
N PRO A 85 -25.19 -23.07 18.49
CA PRO A 85 -25.35 -23.34 17.07
C PRO A 85 -24.13 -23.91 16.37
N LYS A 86 -24.40 -24.80 15.42
CA LYS A 86 -23.41 -25.49 14.64
C LYS A 86 -23.42 -25.12 13.16
N VAL A 87 -24.51 -24.48 12.70
CA VAL A 87 -24.76 -24.25 11.27
CA VAL A 87 -24.73 -24.21 11.27
C VAL A 87 -25.63 -22.99 11.18
N GLY A 88 -25.51 -22.26 10.10
CA GLY A 88 -26.34 -21.09 9.86
C GLY A 88 -27.78 -21.48 9.67
N ILE A 89 -28.65 -20.47 9.78
CA ILE A 89 -30.06 -20.77 9.73
C ILE A 89 -30.44 -21.36 8.37
N CYS A 90 -29.83 -20.84 7.28
CA CYS A 90 -30.10 -21.41 5.94
C CYS A 90 -29.45 -22.75 5.62
N GLY A 91 -28.62 -23.22 6.54
CA GLY A 91 -27.80 -24.39 6.32
C GLY A 91 -26.34 -24.09 6.05
N ALA A 92 -25.97 -22.81 6.04
CA ALA A 92 -24.61 -22.48 5.65
C ALA A 92 -23.65 -23.02 6.71
N THR A 93 -22.70 -23.79 6.23
CA THR A 93 -21.70 -24.39 7.14
C THR A 93 -20.64 -23.34 7.53
N ALA A 94 -19.80 -23.67 8.51
CA ALA A 94 -18.67 -22.82 8.86
C ALA A 94 -17.82 -22.59 7.66
N GLU A 95 -17.63 -23.61 6.84
CA GLU A 95 -16.80 -23.51 5.63
CA GLU A 95 -16.82 -23.52 5.62
C GLU A 95 -17.33 -22.43 4.70
N VAL A 96 -18.61 -22.48 4.44
CA VAL A 96 -19.26 -21.50 3.60
C VAL A 96 -19.23 -20.11 4.19
N ILE A 97 -19.62 -19.96 5.44
CA ILE A 97 -19.63 -18.66 6.10
C ILE A 97 -18.24 -17.99 6.10
N VAL A 98 -17.21 -18.76 6.45
CA VAL A 98 -15.87 -18.21 6.46
C VAL A 98 -15.44 -17.82 5.04
N ALA A 99 -15.68 -18.67 4.03
CA ALA A 99 -15.21 -18.38 2.69
C ALA A 99 -15.96 -17.17 2.12
N ARG A 100 -17.26 -17.04 2.38
CA ARG A 100 -18.04 -15.88 1.85
C ARG A 100 -17.57 -14.59 2.46
N GLY A 101 -17.34 -14.57 3.77
CA GLY A 101 -16.81 -13.37 4.39
C GLY A 101 -15.50 -12.97 3.79
N LEU A 102 -14.60 -13.92 3.64
CA LEU A 102 -13.33 -13.57 3.06
C LEU A 102 -13.43 -13.09 1.67
N ASP A 103 -14.24 -13.75 0.85
CA ASP A 103 -14.45 -13.27 -0.48
C ASP A 103 -14.93 -11.82 -0.56
N ARG A 104 -15.84 -11.45 0.32
CA ARG A 104 -16.32 -10.09 0.26
C ARG A 104 -15.19 -9.11 0.67
N SER A 105 -14.30 -9.52 1.57
CA SER A 105 -13.19 -8.65 1.90
CA SER A 105 -13.17 -8.68 1.93
C SER A 105 -12.27 -8.43 0.71
N ILE A 106 -12.04 -9.48 -0.05
CA ILE A 106 -11.20 -9.36 -1.26
C ILE A 106 -11.88 -8.41 -2.24
N ALA A 107 -13.15 -8.62 -2.48
CA ALA A 107 -13.86 -7.77 -3.40
C ALA A 107 -13.80 -6.28 -2.99
N ALA A 108 -13.99 -5.99 -1.68
CA ALA A 108 -13.88 -4.66 -1.18
C ALA A 108 -12.49 -4.08 -1.42
N GLY A 109 -11.44 -4.83 -1.17
CA GLY A 109 -10.10 -4.35 -1.51
C GLY A 109 -9.89 -4.06 -2.98
N ALA A 110 -10.39 -4.96 -3.82
CA ALA A 110 -10.33 -4.79 -5.25
C ALA A 110 -11.07 -3.55 -5.68
N ALA A 111 -12.16 -3.25 -4.99
CA ALA A 111 -12.95 -2.07 -5.33
C ALA A 111 -12.18 -0.80 -5.02
N GLY A 112 -11.42 -0.79 -3.94
CA GLY A 112 -10.62 0.39 -3.60
C GLY A 112 -9.47 0.64 -4.54
N HIS A 113 -8.68 -0.38 -4.77
CA HIS A 113 -7.50 -0.18 -5.65
C HIS A 113 -7.95 0.14 -7.04
N SER A 114 -8.94 -0.58 -7.53
CA SER A 114 -9.36 -0.38 -8.91
C SER A 114 -10.23 0.88 -9.07
N GLY A 115 -10.80 1.40 -7.99
CA GLY A 115 -11.47 2.70 -8.00
C GLY A 115 -10.47 3.86 -8.14
N HIS A 116 -9.40 3.76 -7.38
CA HIS A 116 -8.24 4.63 -7.54
C HIS A 116 -7.74 4.61 -8.98
N ALA A 117 -7.55 3.44 -9.55
CA ALA A 117 -7.06 3.35 -10.93
C ALA A 117 -8.01 3.95 -11.93
N LYS A 118 -9.29 3.60 -11.80
CA LYS A 118 -10.30 4.17 -12.65
C LYS A 118 -10.26 5.69 -12.63
N HIS A 119 -10.14 6.31 -11.45
CA HIS A 119 -10.13 7.72 -11.37
CA HIS A 119 -10.08 7.77 -11.31
C HIS A 119 -8.91 8.34 -12.10
N LEU A 120 -7.78 7.69 -12.03
CA LEU A 120 -6.63 8.15 -12.77
CA LEU A 120 -6.58 8.09 -12.76
C LEU A 120 -6.76 7.94 -14.27
N ALA A 121 -7.49 6.91 -14.70
CA ALA A 121 -7.76 6.69 -16.13
C ALA A 121 -8.61 7.83 -16.67
N HIS A 122 -9.62 8.24 -15.92
CA HIS A 122 -10.43 9.38 -16.34
C HIS A 122 -9.55 10.63 -16.38
N THR A 123 -8.71 10.83 -15.38
CA THR A 123 -7.84 11.99 -15.32
C THR A 123 -6.94 12.07 -16.54
N LEU A 124 -6.33 10.98 -16.93
CA LEU A 124 -5.48 10.97 -18.12
C LEU A 124 -6.27 11.35 -19.37
N LYS A 125 -7.44 10.77 -19.54
CA LYS A 125 -8.28 11.13 -20.71
CA LYS A 125 -8.30 11.13 -20.69
C LYS A 125 -8.53 12.63 -20.72
N LYS A 126 -8.98 13.17 -19.60
CA LYS A 126 -9.19 14.62 -19.51
C LYS A 126 -7.96 15.39 -19.92
N ALA A 127 -6.82 15.03 -19.35
CA ALA A 127 -5.57 15.68 -19.65
C ALA A 127 -5.41 15.79 -21.17
N VAL A 128 -5.50 14.68 -21.89
CA VAL A 128 -4.98 14.66 -23.27
C VAL A 128 -6.05 15.12 -24.26
N GLN A 129 -7.27 15.26 -23.75
CA GLN A 129 -8.39 15.83 -24.50
C GLN A 129 -8.42 17.36 -24.36
N GLY A 130 -7.52 17.90 -23.54
CA GLY A 130 -7.45 19.33 -23.30
C GLY A 130 -8.45 19.88 -22.29
N LYS A 131 -8.99 19.01 -21.44
CA LYS A 131 -10.00 19.44 -20.46
C LYS A 131 -9.46 19.74 -19.05
N ALA A 132 -8.15 19.64 -18.86
CA ALA A 132 -7.59 19.80 -17.52
C ALA A 132 -6.08 20.08 -17.57
N ALA A 133 -5.72 21.33 -17.84
CA ALA A 133 -4.38 21.65 -18.28
C ALA A 133 -3.38 21.61 -17.11
N SER A 134 -3.89 21.30 -15.90
CA SER A 134 -2.99 21.01 -14.77
C SER A 134 -2.36 19.61 -14.78
N TYR A 135 -2.85 18.79 -15.69
CA TYR A 135 -2.38 17.42 -15.86
C TYR A 135 -1.88 17.26 -17.29
N MET A 136 -0.95 16.36 -17.44
CA MET A 136 -0.28 16.18 -18.68
C MET A 136 0.45 14.85 -18.72
N ILE A 137 0.96 14.48 -19.88
CA ILE A 137 1.83 13.34 -20.01
C ILE A 137 3.23 13.79 -19.56
N LYS A 138 3.61 13.44 -18.35
CA LYS A 138 4.92 13.79 -17.86
C LYS A 138 5.95 12.74 -18.24
N ASP A 139 5.56 11.46 -18.20
CA ASP A 139 6.42 10.38 -18.58
CA ASP A 139 6.46 10.35 -18.59
C ASP A 139 6.06 9.74 -19.92
N ARG A 140 6.64 10.29 -20.99
CA ARG A 140 6.29 9.84 -22.31
C ARG A 140 6.86 8.44 -22.58
N THR A 141 8.02 8.14 -22.00
CA THR A 141 8.60 6.80 -22.17
C THR A 141 7.73 5.72 -21.53
N LYS A 142 7.14 6.04 -20.37
CA LYS A 142 6.27 5.10 -19.68
C LYS A 142 5.01 4.88 -20.53
N LEU A 143 4.48 5.96 -21.08
CA LEU A 143 3.28 5.92 -21.90
C LEU A 143 3.52 4.95 -23.05
N HIS A 144 4.62 5.16 -23.76
CA HIS A 144 4.88 4.34 -24.94
C HIS A 144 5.12 2.87 -24.62
N SER A 145 5.77 2.59 -23.51
CA SER A 145 6.00 1.22 -23.09
C SER A 145 4.75 0.49 -22.65
N ILE A 146 3.90 1.18 -21.90
CA ILE A 146 2.60 0.62 -21.57
C ILE A 146 1.84 0.32 -22.87
N ALA A 147 1.73 1.30 -23.80
CA ALA A 147 1.05 1.09 -25.09
C ALA A 147 1.58 -0.17 -25.80
N LYS A 148 2.89 -0.36 -25.78
CA LYS A 148 3.47 -1.50 -26.49
C LYS A 148 3.14 -2.85 -25.80
N ARG A 149 3.01 -2.81 -24.46
CA ARG A 149 2.68 -4.01 -23.68
C ARG A 149 1.27 -4.43 -23.97
N LEU A 150 0.41 -3.45 -24.22
CA LEU A 150 -1.00 -3.68 -24.40
C LEU A 150 -1.32 -4.10 -25.83
N GLY A 151 -0.32 -3.91 -26.69
CA GLY A 151 -0.51 -4.03 -28.13
C GLY A 151 -1.09 -2.81 -28.80
N ILE A 152 -0.95 -1.63 -28.20
CA ILE A 152 -1.47 -0.43 -28.80
C ILE A 152 -0.41 0.17 -29.74
N PRO A 153 -0.79 0.47 -31.00
CA PRO A 153 0.28 0.92 -31.89
C PRO A 153 0.68 2.36 -31.63
N THR A 154 1.97 2.62 -31.76
CA THR A 154 2.52 3.91 -31.41
C THR A 154 3.16 4.56 -32.63
N GLU A 155 3.69 3.73 -33.54
CA GLU A 155 4.36 4.30 -34.71
C GLU A 155 3.41 5.24 -35.43
N GLY A 156 3.87 6.46 -35.61
CA GLY A 156 3.17 7.43 -36.42
C GLY A 156 1.95 8.04 -35.75
N GLN A 157 1.80 7.74 -34.45
CA GLN A 157 0.71 8.29 -33.67
C GLN A 157 1.18 9.45 -32.79
N LYS A 158 0.33 10.44 -32.59
CA LYS A 158 0.58 11.46 -31.57
C LYS A 158 0.50 10.85 -30.20
N ASP A 159 1.27 11.44 -29.29
CA ASP A 159 1.24 11.09 -27.87
C ASP A 159 -0.17 11.10 -27.28
N GLU A 160 -0.92 12.15 -27.57
CA GLU A 160 -2.24 12.31 -26.99
C GLU A 160 -3.17 11.17 -27.46
N ASP A 161 -2.96 10.69 -28.67
CA ASP A 161 -3.82 9.65 -29.20
CA ASP A 161 -3.76 9.61 -29.28
C ASP A 161 -3.44 8.27 -28.66
N ILE A 162 -2.15 8.04 -28.44
CA ILE A 162 -1.67 6.87 -27.74
C ILE A 162 -2.20 6.85 -26.30
N ALA A 163 -2.10 7.99 -25.62
CA ALA A 163 -2.65 8.16 -24.26
C ALA A 163 -4.14 7.88 -24.24
N LEU A 164 -4.88 8.49 -25.16
CA LEU A 164 -6.31 8.26 -25.23
CA LEU A 164 -6.32 8.26 -25.25
C LEU A 164 -6.58 6.77 -25.31
N GLU A 165 -5.82 6.06 -26.15
CA GLU A 165 -5.96 4.62 -26.34
CA GLU A 165 -6.01 4.64 -26.32
C GLU A 165 -5.61 3.85 -25.07
N VAL A 166 -4.60 4.30 -24.35
CA VAL A 166 -4.22 3.61 -23.10
C VAL A 166 -5.31 3.80 -22.03
N ALA A 167 -5.89 4.99 -21.96
CA ALA A 167 -6.97 5.28 -21.02
C ALA A 167 -8.19 4.46 -21.39
N LYS A 168 -8.50 4.36 -22.68
CA LYS A 168 -9.60 3.51 -23.18
CA LYS A 168 -9.61 3.53 -23.12
C LYS A 168 -9.40 2.06 -22.76
N ALA A 169 -8.21 1.54 -22.99
CA ALA A 169 -7.90 0.19 -22.60
C ALA A 169 -8.06 -0.01 -21.08
N ALA A 170 -7.61 0.95 -20.29
CA ALA A 170 -7.73 0.81 -18.84
C ALA A 170 -9.19 0.72 -18.46
N LEU A 171 -10.01 1.61 -19.01
CA LEU A 171 -11.43 1.59 -18.64
C LEU A 171 -12.09 0.31 -19.14
N ALA A 172 -11.67 -0.20 -20.27
CA ALA A 172 -12.22 -1.44 -20.82
C ALA A 172 -12.00 -2.69 -19.94
N ASP A 173 -10.94 -2.66 -19.15
CA ASP A 173 -10.60 -3.81 -18.32
C ASP A 173 -11.59 -3.91 -17.13
N PHE A 174 -12.41 -2.89 -16.93
CA PHE A 174 -13.36 -2.97 -15.82
C PHE A 174 -14.60 -3.84 -16.14
N HIS A 175 -14.82 -4.16 -17.43
CA HIS A 175 -16.01 -4.91 -17.86
C HIS A 175 -15.66 -6.08 -18.76
N GLU A 176 -16.63 -6.94 -19.00
CA GLU A 176 -16.44 -8.01 -19.96
C GLU A 176 -16.22 -7.46 -21.36
N LYS A 177 -15.41 -8.21 -22.12
CA LYS A 177 -15.15 -7.90 -23.53
C LYS A 177 -14.56 -9.12 -24.18
N ASP A 178 -13.96 -8.92 -25.37
CA ASP A 178 -13.47 -10.03 -26.16
C ASP A 178 -12.11 -10.50 -25.72
N THR A 179 -11.49 -9.76 -24.80
CA THR A 179 -10.29 -10.20 -24.12
C THR A 179 -10.54 -10.24 -22.62
N PRO A 180 -9.71 -10.99 -21.90
CA PRO A 180 -9.67 -10.85 -20.44
C PRO A 180 -8.97 -9.57 -20.01
N VAL A 181 -8.89 -9.39 -18.70
CA VAL A 181 -8.26 -8.19 -18.17
C VAL A 181 -6.77 -8.17 -18.56
N LEU A 182 -6.45 -7.21 -19.40
CA LEU A 182 -5.11 -7.07 -19.94
C LEU A 182 -4.11 -6.68 -18.85
N TRP A 183 -4.57 -5.94 -17.84
CA TRP A 183 -3.69 -5.59 -16.72
C TRP A 183 -3.48 -6.74 -15.73
N VAL A 184 -3.97 -7.93 -16.10
CA VAL A 184 -3.45 -9.21 -15.62
C VAL A 184 -2.61 -9.90 -16.73
N THR A 185 -3.26 -10.22 -17.85
CA THR A 185 -2.66 -11.14 -18.81
C THR A 185 -1.41 -10.60 -19.48
N THR A 186 -1.24 -9.28 -19.54
CA THR A 186 -0.04 -8.71 -20.13
C THR A 186 1.10 -8.41 -19.13
N VAL A 187 0.87 -8.64 -17.83
CA VAL A 187 1.87 -8.25 -16.81
C VAL A 187 2.46 -9.45 -16.14
N LEU A 188 1.91 -10.62 -16.36
CA LEU A 188 2.46 -11.86 -15.76
C LEU A 188 3.12 -12.65 -16.93
N PRO A 189 3.96 -13.60 -16.58
CA PRO A 189 4.52 -14.50 -17.61
C PRO A 189 3.41 -15.28 -18.31
N PRO A 190 3.59 -15.62 -19.59
CA PRO A 190 2.59 -16.47 -20.19
C PRO A 190 2.37 -17.79 -19.46
N SER A 191 3.41 -18.40 -18.91
CA SER A 191 3.21 -19.67 -18.26
C SER A 191 2.32 -19.55 -17.04
N ARG A 192 2.49 -18.44 -16.30
CA ARG A 192 1.63 -18.13 -15.13
C ARG A 192 0.20 -17.87 -15.60
N VAL A 193 0.05 -17.12 -16.69
CA VAL A 193 -1.27 -16.89 -17.26
C VAL A 193 -1.94 -18.20 -17.67
N LYS A 194 -1.17 -19.15 -18.19
CA LYS A 194 -1.69 -20.44 -18.58
C LYS A 194 -2.11 -21.32 -17.38
N VAL A 195 -1.33 -21.28 -16.31
CA VAL A 195 -1.69 -22.03 -15.12
C VAL A 195 -2.98 -21.46 -14.53
N LEU A 196 -3.08 -20.14 -14.55
CA LEU A 196 -4.25 -19.51 -13.93
C LEU A 196 -5.48 -19.72 -14.79
N SER A 197 -5.31 -19.61 -16.13
CA SER A 197 -6.39 -19.86 -17.09
CA SER A 197 -6.40 -19.86 -17.08
C SER A 197 -6.95 -21.27 -16.92
N ALA A 198 -6.06 -22.22 -16.76
CA ALA A 198 -6.47 -23.61 -16.64
C ALA A 198 -7.41 -23.85 -15.44
N HIS A 199 -7.27 -23.03 -14.40
CA HIS A 199 -8.08 -23.13 -13.18
C HIS A 199 -9.26 -22.15 -13.22
N GLY A 200 -9.38 -21.43 -14.33
CA GLY A 200 -10.44 -20.44 -14.51
C GLY A 200 -10.27 -19.19 -13.65
N LEU A 201 -9.02 -18.82 -13.37
CA LEU A 201 -8.73 -17.73 -12.42
C LEU A 201 -8.51 -16.36 -13.07
N ILE A 202 -8.37 -16.29 -14.38
CA ILE A 202 -8.12 -15.02 -15.04
C ILE A 202 -9.40 -14.20 -15.01
N PRO A 203 -9.35 -12.97 -14.45
CA PRO A 203 -10.58 -12.19 -14.39
C PRO A 203 -11.09 -11.77 -15.73
N ALA A 204 -12.40 -11.70 -15.85
CA ALA A 204 -13.00 -11.28 -17.09
C ALA A 204 -13.16 -9.78 -17.20
N GLY A 205 -13.23 -9.10 -16.04
CA GLY A 205 -13.39 -7.68 -15.98
C GLY A 205 -13.32 -7.26 -14.52
N ILE A 206 -12.74 -6.12 -14.19
CA ILE A 206 -12.48 -5.82 -12.78
C ILE A 206 -13.78 -5.66 -12.00
N ASP A 207 -14.65 -4.75 -12.44
CA ASP A 207 -15.90 -4.58 -11.71
C ASP A 207 -16.81 -5.78 -11.90
N HIS A 208 -16.73 -6.47 -13.05
CA HIS A 208 -17.42 -7.70 -13.23
C HIS A 208 -17.12 -8.71 -12.12
N GLU A 209 -15.88 -8.91 -11.78
CA GLU A 209 -15.52 -9.86 -10.76
C GLU A 209 -15.98 -9.41 -9.38
N ILE A 210 -15.89 -8.11 -9.09
CA ILE A 210 -16.32 -7.58 -7.78
C ILE A 210 -17.80 -7.92 -7.62
N ALA A 211 -18.58 -7.61 -8.65
CA ALA A 211 -20.00 -7.86 -8.64
C ALA A 211 -20.29 -9.35 -8.51
N GLU A 212 -19.58 -10.20 -9.23
CA GLU A 212 -19.83 -11.64 -9.16
CA GLU A 212 -19.80 -11.64 -9.16
C GLU A 212 -19.53 -12.18 -7.77
N ILE A 213 -18.53 -11.64 -7.10
CA ILE A 213 -18.26 -12.04 -5.73
C ILE A 213 -19.44 -11.69 -4.82
N MET A 214 -19.95 -10.47 -4.96
CA MET A 214 -21.03 -10.04 -4.13
C MET A 214 -22.27 -10.92 -4.36
N HIS A 215 -22.50 -11.30 -5.61
CA HIS A 215 -23.60 -12.18 -5.97
C HIS A 215 -23.36 -13.53 -5.32
N ARG A 216 -22.27 -14.17 -5.68
CA ARG A 216 -22.07 -15.55 -5.28
C ARG A 216 -22.04 -15.76 -3.78
N THR A 217 -21.73 -14.71 -3.03
CA THR A 217 -21.65 -14.81 -1.56
C THR A 217 -22.95 -14.40 -0.90
N SER A 218 -23.88 -13.89 -1.68
CA SER A 218 -25.19 -13.60 -1.14
C SER A 218 -25.97 -14.86 -0.85
N MET A 219 -27.02 -14.71 -0.05
CA MET A 219 -27.71 -15.88 0.48
C MET A 219 -28.14 -16.81 -0.64
N GLY A 220 -27.98 -18.10 -0.38
CA GLY A 220 -28.56 -19.09 -1.25
C GLY A 220 -27.88 -19.28 -2.59
N CYS A 221 -26.64 -18.83 -2.70
CA CYS A 221 -25.86 -18.95 -3.91
C CYS A 221 -24.72 -19.94 -3.65
N ASP A 222 -23.48 -19.52 -3.82
CA ASP A 222 -22.37 -20.46 -3.80
C ASP A 222 -22.13 -20.93 -2.38
N ALA A 223 -22.04 -22.26 -2.23
CA ALA A 223 -21.99 -22.89 -0.94
C ALA A 223 -21.09 -24.10 -1.01
N ASP A 224 -19.94 -23.87 -1.62
CA ASP A 224 -18.88 -24.88 -1.64
C ASP A 224 -17.56 -24.14 -1.44
N ALA A 225 -16.85 -24.47 -0.38
CA ALA A 225 -15.69 -23.66 0.06
C ALA A 225 -14.67 -23.57 -1.09
N GLN A 226 -14.37 -24.68 -1.76
CA GLN A 226 -13.41 -24.61 -2.86
CA GLN A 226 -13.42 -24.65 -2.88
C GLN A 226 -13.88 -23.68 -3.97
N ASN A 227 -15.13 -23.81 -4.41
CA ASN A 227 -15.66 -22.97 -5.47
C ASN A 227 -15.53 -21.51 -5.02
N LEU A 228 -15.97 -21.22 -3.79
CA LEU A 228 -15.95 -19.87 -3.27
C LEU A 228 -14.57 -19.28 -3.25
N LEU A 229 -13.60 -20.08 -2.84
CA LEU A 229 -12.26 -19.56 -2.73
C LEU A 229 -11.55 -19.42 -4.06
N LEU A 230 -11.92 -20.24 -5.05
CA LEU A 230 -11.42 -20.04 -6.41
C LEU A 230 -11.95 -18.70 -6.96
N GLY A 231 -13.20 -18.35 -6.66
CA GLY A 231 -13.68 -17.03 -7.03
C GLY A 231 -12.91 -15.91 -6.35
N GLY A 232 -12.58 -16.09 -5.10
CA GLY A 232 -11.78 -15.13 -4.35
C GLY A 232 -10.42 -14.91 -4.97
N LEU A 233 -9.76 -16.00 -5.38
CA LEU A 233 -8.49 -15.89 -6.10
C LEU A 233 -8.64 -15.08 -7.35
N ARG A 234 -9.65 -15.38 -8.16
CA ARG A 234 -9.88 -14.61 -9.35
C ARG A 234 -10.08 -13.13 -9.06
N CYS A 235 -10.89 -12.82 -8.04
CA CYS A 235 -11.13 -11.44 -7.68
C CYS A 235 -9.88 -10.74 -7.15
N SER A 236 -8.98 -11.51 -6.60
CA SER A 236 -7.72 -10.94 -6.11
C SER A 236 -6.84 -10.54 -7.30
N LEU A 237 -7.00 -11.23 -8.43
CA LEU A 237 -6.30 -10.79 -9.62
C LEU A 237 -6.92 -9.56 -10.23
N ALA A 238 -8.21 -9.34 -10.10
CA ALA A 238 -8.80 -8.08 -10.47
C ALA A 238 -8.21 -6.98 -9.60
N ASP A 239 -7.93 -7.26 -8.33
CA ASP A 239 -7.29 -6.25 -7.48
C ASP A 239 -5.86 -5.95 -8.01
N LEU A 240 -5.12 -7.01 -8.30
CA LEU A 240 -3.78 -6.84 -8.89
C LEU A 240 -3.86 -5.92 -10.10
N ALA A 241 -4.81 -6.21 -10.98
CA ALA A 241 -4.95 -5.41 -12.18
C ALA A 241 -5.15 -3.94 -11.82
N GLY A 242 -5.99 -3.65 -10.83
CA GLY A 242 -6.24 -2.28 -10.42
C GLY A 242 -4.99 -1.61 -9.86
N CYS A 243 -4.24 -2.37 -9.07
CA CYS A 243 -2.97 -1.89 -8.55
C CYS A 243 -2.06 -1.47 -9.72
N TYR A 244 -1.84 -2.42 -10.60
CA TYR A 244 -0.86 -2.23 -11.69
C TYR A 244 -1.32 -1.08 -12.57
N MET A 245 -2.59 -1.08 -12.92
CA MET A 245 -3.17 0.05 -13.68
C MET A 245 -2.92 1.38 -12.96
N GLY A 246 -3.17 1.42 -11.66
CA GLY A 246 -2.96 2.62 -10.90
C GLY A 246 -1.53 3.13 -10.91
N THR A 247 -0.59 2.23 -10.78
CA THR A 247 0.83 2.61 -10.87
C THR A 247 1.21 3.09 -12.28
N ASP A 248 0.70 2.39 -13.30
CA ASP A 248 1.04 2.74 -14.68
C ASP A 248 0.53 4.17 -14.94
N LEU A 249 -0.74 4.41 -14.67
CA LEU A 249 -1.34 5.70 -15.00
C LEU A 249 -0.74 6.82 -14.17
N ALA A 250 -0.43 6.57 -12.91
CA ALA A 250 0.15 7.61 -12.05
C ALA A 250 1.55 7.95 -12.54
N ASP A 251 2.27 6.93 -13.02
CA ASP A 251 3.62 7.20 -13.59
C ASP A 251 3.53 8.03 -14.87
N ILE A 252 2.56 7.77 -15.74
CA ILE A 252 2.39 8.57 -16.95
C ILE A 252 2.12 10.01 -16.57
N LEU A 253 1.22 10.21 -15.64
CA LEU A 253 0.74 11.53 -15.31
C LEU A 253 1.73 12.32 -14.45
N PHE A 254 2.46 11.63 -13.55
CA PHE A 254 3.17 12.34 -12.50
C PHE A 254 4.67 12.07 -12.50
N GLY A 255 5.07 11.14 -13.36
CA GLY A 255 6.47 10.73 -13.51
C GLY A 255 6.77 9.43 -12.80
N THR A 256 7.61 8.61 -13.38
CA THR A 256 8.05 7.38 -12.72
C THR A 256 9.04 7.78 -11.68
N PRO A 257 8.95 7.19 -10.46
CA PRO A 257 9.87 7.56 -9.38
C PRO A 257 11.30 7.19 -9.77
N ALA A 258 12.26 7.99 -9.29
CA ALA A 258 13.67 7.64 -9.28
C ALA A 258 14.20 7.99 -7.91
N PRO A 259 15.42 7.57 -7.55
CA PRO A 259 15.90 7.74 -6.21
C PRO A 259 15.82 9.17 -5.70
N VAL A 260 15.37 9.31 -4.45
CA VAL A 260 15.12 10.59 -3.77
C VAL A 260 15.50 10.48 -2.33
N VAL A 261 15.95 11.61 -1.76
CA VAL A 261 16.40 11.66 -0.37
CA VAL A 261 16.34 11.61 -0.36
C VAL A 261 15.53 12.62 0.43
N THR A 262 14.96 12.15 1.52
CA THR A 262 14.08 12.95 2.31
C THR A 262 14.16 12.50 3.77
N GLU A 263 13.08 12.75 4.51
CA GLU A 263 13.04 12.42 5.94
CA GLU A 263 13.04 12.46 5.94
C GLU A 263 11.66 11.88 6.30
N SER A 264 11.58 11.24 7.46
CA SER A 264 10.32 10.72 8.00
C SER A 264 10.21 10.90 9.51
N ASN A 265 8.96 10.84 9.97
CA ASN A 265 8.48 10.96 11.35
C ASN A 265 8.12 12.38 11.74
N LEU A 266 7.49 12.50 12.90
CA LEU A 266 6.78 13.73 13.24
C LEU A 266 7.69 14.97 13.27
N GLY A 267 8.96 14.75 13.51
CA GLY A 267 9.92 15.83 13.50
C GLY A 267 10.06 16.59 12.20
N VAL A 268 9.51 16.06 11.10
CA VAL A 268 9.42 16.80 9.83
C VAL A 268 8.42 17.94 9.80
N LEU A 269 7.56 18.01 10.81
CA LEU A 269 6.73 19.16 11.05
C LEU A 269 7.63 20.29 11.57
N LYS A 270 7.22 21.50 11.22
CA LYS A 270 8.00 22.72 11.57
C LYS A 270 7.07 23.73 12.23
N ALA A 271 7.36 24.16 13.46
CA ALA A 271 6.47 25.04 14.18
C ALA A 271 6.27 26.33 13.41
N ASP A 272 7.33 26.83 12.76
CA ASP A 272 7.23 28.13 12.10
C ASP A 272 6.73 28.12 10.68
N ALA A 273 6.23 26.96 10.24
CA ALA A 273 5.76 26.82 8.87
C ALA A 273 4.27 26.44 8.91
N VAL A 274 3.58 26.70 7.81
CA VAL A 274 2.26 26.09 7.58
C VAL A 274 2.36 24.61 7.26
N ASN A 275 2.02 23.77 8.24
CA ASN A 275 2.17 22.32 8.04
C ASN A 275 0.91 21.73 7.46
N VAL A 276 1.04 21.16 6.27
CA VAL A 276 -0.08 20.58 5.52
CA VAL A 276 -0.11 20.55 5.60
C VAL A 276 0.17 19.10 5.22
N ALA A 277 -0.65 18.23 5.76
CA ALA A 277 -0.55 16.79 5.47
C ALA A 277 -1.43 16.44 4.30
N VAL A 278 -0.88 15.65 3.39
CA VAL A 278 -1.67 15.02 2.35
C VAL A 278 -1.85 13.54 2.75
N HIS A 279 -3.10 13.06 2.74
CA HIS A 279 -3.49 11.80 3.42
C HIS A 279 -4.60 11.11 2.62
N GLY A 280 -4.48 9.79 2.46
CA GLY A 280 -5.34 9.00 1.58
C GLY A 280 -4.44 8.25 0.62
N HIS A 281 -4.92 8.05 -0.58
CA HIS A 281 -4.23 7.18 -1.54
C HIS A 281 -4.01 7.79 -2.92
N ASN A 282 -5.10 8.23 -3.51
N ASN A 282 -4.83 8.73 -3.40
CA ASN A 282 -4.98 8.83 -4.81
CA ASN A 282 -4.73 9.15 -4.83
C ASN A 282 -4.40 10.23 -4.66
C ASN A 282 -3.89 10.39 -5.04
N PRO A 283 -3.30 10.53 -5.38
N PRO A 283 -2.78 10.27 -5.78
CA PRO A 283 -2.56 11.80 -5.25
CA PRO A 283 -2.14 11.56 -5.66
C PRO A 283 -2.93 12.83 -6.31
C PRO A 283 -2.70 12.63 -6.61
N VAL A 284 -4.09 12.65 -6.93
N VAL A 284 -3.79 12.32 -7.32
CA VAL A 284 -4.46 13.39 -8.16
CA VAL A 284 -4.32 13.26 -8.34
C VAL A 284 -4.53 14.89 -7.88
C VAL A 284 -4.56 14.68 -7.82
N LEU A 285 -4.93 15.25 -6.65
N LEU A 285 -4.88 14.88 -6.53
CA LEU A 285 -4.90 16.64 -6.26
CA LEU A 285 -4.94 16.25 -5.95
C LEU A 285 -3.61 16.95 -5.48
C LEU A 285 -3.58 16.66 -5.37
N SER A 286 -3.16 16.00 -4.70
N SER A 286 -3.03 15.76 -4.59
CA SER A 286 -2.02 16.26 -3.81
CA SER A 286 -1.93 16.11 -3.72
C SER A 286 -0.68 16.38 -4.53
C SER A 286 -0.64 16.34 -4.52
N ASP A 287 -0.58 15.79 -5.73
CA ASP A 287 0.54 16.10 -6.62
C ASP A 287 0.47 17.57 -7.06
N ILE A 288 -0.76 18.08 -7.23
CA ILE A 288 -0.97 19.51 -7.50
C ILE A 288 -0.79 20.39 -6.27
N ILE A 289 -1.15 19.88 -5.10
CA ILE A 289 -0.97 20.65 -3.88
C ILE A 289 0.52 20.85 -3.60
N VAL A 290 1.31 19.85 -3.99
CA VAL A 290 2.77 19.97 -3.86
C VAL A 290 3.26 21.11 -4.77
N SER A 291 2.89 21.09 -6.06
CA SER A 291 3.40 22.10 -7.02
CA SER A 291 3.41 22.10 -7.00
C SER A 291 2.89 23.50 -6.69
N VAL A 292 1.63 23.58 -6.30
CA VAL A 292 1.03 24.88 -5.96
C VAL A 292 1.58 25.47 -4.67
N SER A 293 1.88 24.61 -3.69
CA SER A 293 2.33 25.08 -2.39
C SER A 293 3.63 25.89 -2.55
N LYS A 294 4.43 25.47 -3.53
CA LYS A 294 5.71 26.13 -3.79
C LYS A 294 5.51 27.55 -4.30
N GLU A 295 4.43 27.74 -5.04
CA GLU A 295 4.07 29.06 -5.58
C GLU A 295 3.59 30.04 -4.50
N MET A 296 3.18 29.49 -3.36
CA MET A 296 2.41 30.26 -2.38
C MET A 296 3.28 30.57 -1.17
N GLU A 297 4.58 30.46 -1.37
CA GLU A 297 5.56 30.73 -0.33
CA GLU A 297 5.54 30.74 -0.30
C GLU A 297 5.44 32.17 0.19
N ASN A 298 5.36 33.13 -0.73
CA ASN A 298 5.38 34.54 -0.36
CA ASN A 298 5.38 34.54 -0.36
C ASN A 298 4.09 34.97 0.33
N GLU A 299 2.99 34.34 -0.06
CA GLU A 299 1.74 34.48 0.66
C GLU A 299 1.79 33.86 2.06
N ALA A 300 2.51 32.75 2.21
CA ALA A 300 2.70 32.20 3.54
C ALA A 300 3.54 33.11 4.41
N ARG A 301 4.60 33.68 3.85
CA ARG A 301 5.48 34.56 4.65
C ARG A 301 4.68 35.78 5.09
N ALA A 302 3.79 36.23 4.22
CA ALA A 302 2.90 37.36 4.52
C ALA A 302 2.14 37.09 5.81
N ALA A 303 1.76 35.82 6.02
CA ALA A 303 0.97 35.44 7.18
C ALA A 303 1.91 35.09 8.32
N GLY A 304 3.20 35.28 8.09
CA GLY A 304 4.19 35.14 9.15
C GLY A 304 4.76 33.75 9.29
N ALA A 305 4.51 32.91 8.29
CA ALA A 305 5.14 31.58 8.21
C ALA A 305 6.45 31.67 7.43
N THR A 306 7.28 30.64 7.54
N THR A 306 7.29 30.64 7.55
CA THR A 306 8.46 30.52 6.68
CA THR A 306 8.46 30.51 6.68
C THR A 306 8.09 30.11 5.25
C THR A 306 8.11 30.08 5.26
N GLY A 307 6.96 29.43 5.10
CA GLY A 307 6.55 28.82 3.86
C GLY A 307 5.61 27.69 4.21
N ILE A 308 5.11 27.03 3.17
CA ILE A 308 4.21 25.88 3.33
C ILE A 308 5.04 24.63 3.36
N ASN A 309 4.83 23.85 4.40
CA ASN A 309 5.53 22.58 4.61
C ASN A 309 4.49 21.47 4.38
N VAL A 310 4.56 20.85 3.21
CA VAL A 310 3.73 19.72 2.86
C VAL A 310 4.40 18.45 3.31
N VAL A 311 3.63 17.63 4.04
CA VAL A 311 4.12 16.38 4.57
C VAL A 311 3.11 15.28 4.22
N GLY A 312 3.55 14.03 4.26
CA GLY A 312 2.70 12.94 3.84
C GLY A 312 2.22 12.09 5.00
N ILE A 313 1.02 11.55 4.81
CA ILE A 313 0.53 10.48 5.68
C ILE A 313 0.02 9.36 4.74
N CYS A 314 0.25 8.12 5.13
CA CYS A 314 -0.27 6.97 4.38
C CYS A 314 0.15 7.06 2.92
N CYS A 315 -0.61 6.45 2.02
CA CYS A 315 -0.04 6.20 0.69
CA CYS A 315 -0.16 6.13 0.66
C CYS A 315 -0.01 7.38 -0.21
N THR A 316 -0.90 8.36 -0.06
CA THR A 316 -0.80 9.64 -0.82
CA THR A 316 -0.75 9.52 -0.89
C THR A 316 0.50 10.30 -0.42
N GLY A 317 0.87 10.13 0.86
CA GLY A 317 2.20 10.56 1.33
C GLY A 317 3.30 9.80 0.60
N ASN A 318 3.21 8.49 0.54
CA ASN A 318 4.13 7.68 -0.24
C ASN A 318 4.26 8.14 -1.68
N GLU A 319 3.15 8.44 -2.32
CA GLU A 319 3.20 8.85 -3.72
C GLU A 319 4.07 10.12 -3.92
N VAL A 320 3.86 11.11 -3.06
CA VAL A 320 4.59 12.39 -3.18
C VAL A 320 5.96 12.33 -2.55
N LEU A 321 6.21 11.35 -1.70
CA LEU A 321 7.56 11.06 -1.22
C LEU A 321 8.35 10.45 -2.38
N MET A 322 7.77 9.48 -3.08
CA MET A 322 8.46 8.76 -4.14
C MET A 322 8.80 9.71 -5.31
N ARG A 323 7.88 10.57 -5.71
CA ARG A 323 8.08 11.38 -6.89
C ARG A 323 8.77 12.72 -6.60
N HIS A 324 8.59 13.28 -5.40
CA HIS A 324 8.99 14.68 -5.09
C HIS A 324 9.84 14.80 -3.85
N GLY A 325 10.00 13.72 -3.10
CA GLY A 325 10.79 13.74 -1.89
C GLY A 325 10.10 14.50 -0.77
N ILE A 326 8.79 14.59 -0.80
CA ILE A 326 8.03 15.16 0.31
C ILE A 326 8.21 14.26 1.53
N PRO A 327 8.59 14.85 2.69
CA PRO A 327 8.85 14.04 3.87
C PRO A 327 7.56 13.42 4.39
N ALA A 328 7.70 12.22 4.92
CA ALA A 328 6.57 11.47 5.45
C ALA A 328 6.47 11.80 6.93
N CYS A 329 5.29 12.20 7.37
CA CYS A 329 5.05 12.56 8.74
CA CYS A 329 5.19 12.51 8.78
C CYS A 329 4.75 11.35 9.65
N THR A 330 3.79 10.53 9.20
CA THR A 330 3.44 9.29 9.90
C THR A 330 2.54 8.44 8.99
N HIS A 331 2.12 7.30 9.53
CA HIS A 331 1.39 6.25 8.81
C HIS A 331 0.28 5.67 9.67
N SER A 332 -0.65 5.09 8.96
CA SER A 332 -1.63 4.15 9.43
C SER A 332 -2.10 4.47 10.85
N VAL A 333 -1.79 3.57 11.76
CA VAL A 333 -2.45 3.50 13.06
C VAL A 333 -2.11 4.73 13.88
N SER A 334 -0.99 5.39 13.61
CA SER A 334 -0.55 6.56 14.39
C SER A 334 -0.90 7.91 13.72
N GLN A 335 -1.76 7.91 12.71
CA GLN A 335 -2.08 9.12 11.99
C GLN A 335 -2.59 10.26 12.88
N GLU A 336 -3.34 9.95 13.92
CA GLU A 336 -3.90 11.01 14.80
C GLU A 336 -2.80 11.80 15.49
N MET A 337 -1.64 11.17 15.67
CA MET A 337 -0.56 11.77 16.45
C MET A 337 -0.02 13.02 15.79
N ALA A 338 -0.06 13.08 14.45
CA ALA A 338 0.37 14.32 13.77
C ALA A 338 -0.45 15.52 14.23
N MET A 339 -1.73 15.30 14.46
CA MET A 339 -2.62 16.37 14.93
C MET A 339 -2.28 16.74 16.36
N ILE A 340 -1.97 15.75 17.18
CA ILE A 340 -1.75 15.99 18.60
C ILE A 340 -0.57 16.93 18.86
N THR A 341 0.33 17.09 17.90
CA THR A 341 1.47 18.03 18.07
C THR A 341 0.97 19.46 18.29
N GLY A 342 -0.20 19.76 17.71
CA GLY A 342 -0.74 21.12 17.63
C GLY A 342 -0.17 21.99 16.53
N ALA A 343 0.71 21.42 15.72
CA ALA A 343 1.31 22.13 14.58
C ALA A 343 0.76 21.75 13.19
N LEU A 344 -0.22 20.86 13.13
CA LEU A 344 -0.75 20.46 11.82
C LEU A 344 -1.91 21.32 11.42
N ASP A 345 -1.62 22.26 10.55
CA ASP A 345 -2.55 23.27 10.17
C ASP A 345 -3.65 22.75 9.28
N ALA A 346 -3.32 21.82 8.39
CA ALA A 346 -4.34 21.22 7.52
C ALA A 346 -4.04 19.75 7.27
N MET A 347 -5.09 18.98 7.07
CA MET A 347 -4.96 17.57 6.65
C MET A 347 -5.90 17.40 5.49
N ILE A 348 -5.34 17.16 4.31
CA ILE A 348 -6.06 17.17 3.06
C ILE A 348 -6.28 15.74 2.58
N LEU A 349 -7.52 15.32 2.56
CA LEU A 349 -7.92 13.92 2.47
C LEU A 349 -8.48 13.63 1.10
N ASP A 350 -8.13 12.49 0.54
CA ASP A 350 -8.86 11.92 -0.55
CA ASP A 350 -8.98 11.95 -0.51
C ASP A 350 -9.74 10.73 -0.04
N TYR A 351 -9.23 9.51 -0.17
CA TYR A 351 -9.95 8.31 0.31
C TYR A 351 -8.97 7.23 0.79
N GLN A 352 -9.54 6.35 1.60
CA GLN A 352 -8.96 5.11 2.10
C GLN A 352 -7.99 5.34 3.23
N CYS A 353 -8.19 4.56 4.30
CA CYS A 353 -7.27 4.48 5.42
C CYS A 353 -7.21 5.70 6.33
N ILE A 354 -8.17 6.56 6.21
CA ILE A 354 -8.26 7.73 7.03
C ILE A 354 -9.20 7.48 8.24
N GLN A 355 -8.64 7.39 9.42
CA GLN A 355 -9.46 7.18 10.61
C GLN A 355 -10.43 8.35 10.73
N PRO A 356 -11.75 8.05 10.73
CA PRO A 356 -12.66 9.19 10.74
C PRO A 356 -12.62 9.95 12.08
N SER A 357 -11.98 9.39 13.11
CA SER A 357 -11.68 10.15 14.30
C SER A 357 -10.99 11.49 13.99
N VAL A 358 -10.25 11.61 12.90
CA VAL A 358 -9.54 12.88 12.64
C VAL A 358 -10.50 14.05 12.63
N ALA A 359 -11.71 13.87 12.14
CA ALA A 359 -12.64 15.00 12.09
C ALA A 359 -13.02 15.53 13.48
N THR A 360 -13.05 14.65 14.48
CA THR A 360 -13.38 15.09 15.83
CA THR A 360 -13.41 15.02 15.87
C THR A 360 -12.17 15.56 16.59
N ILE A 361 -11.03 14.93 16.35
CA ILE A 361 -9.80 15.31 17.04
CA ILE A 361 -9.82 15.34 17.06
C ILE A 361 -9.42 16.72 16.59
N ALA A 362 -9.78 17.06 15.37
CA ALA A 362 -9.49 18.40 14.82
C ALA A 362 -10.03 19.52 15.70
N GLU A 363 -11.17 19.28 16.33
CA GLU A 363 -11.84 20.26 17.20
CA GLU A 363 -11.79 20.32 17.13
C GLU A 363 -10.94 20.65 18.37
N CYS A 364 -10.17 19.66 18.82
CA CYS A 364 -9.34 19.84 20.00
CA CYS A 364 -9.32 19.73 20.00
C CYS A 364 -7.98 20.37 19.63
N THR A 365 -7.47 20.00 18.44
CA THR A 365 -6.09 20.28 18.07
C THR A 365 -5.97 21.57 17.24
N GLY A 366 -7.06 21.92 16.58
N GLY A 366 -7.07 21.97 16.66
CA GLY A 366 -7.14 23.14 15.75
CA GLY A 366 -7.09 23.12 15.76
C GLY A 366 -6.96 22.91 14.25
C GLY A 366 -6.39 22.81 14.44
N THR A 367 -6.73 21.65 13.90
CA THR A 367 -6.30 21.29 12.56
C THR A 367 -7.53 21.44 11.66
N THR A 368 -7.33 21.96 10.47
CA THR A 368 -8.38 21.97 9.48
C THR A 368 -8.28 20.69 8.63
N VAL A 369 -9.28 19.82 8.81
CA VAL A 369 -9.40 18.58 8.04
C VAL A 369 -10.31 18.84 6.84
N ILE A 370 -9.82 18.52 5.64
CA ILE A 370 -10.54 18.85 4.41
C ILE A 370 -10.72 17.57 3.60
N THR A 371 -11.95 17.26 3.23
CA THR A 371 -12.20 16.20 2.26
C THR A 371 -12.36 16.77 0.87
N THR A 372 -12.09 15.94 -0.14
CA THR A 372 -12.00 16.39 -1.53
C THR A 372 -12.64 15.50 -2.60
N MET A 373 -13.01 14.27 -2.21
CA MET A 373 -13.61 13.30 -3.11
CA MET A 373 -13.61 13.31 -3.12
C MET A 373 -15.08 13.09 -2.76
N GLU A 374 -15.94 13.10 -3.79
CA GLU A 374 -17.37 12.99 -3.62
C GLU A 374 -17.85 11.78 -2.79
N MET A 375 -17.20 10.66 -2.99
CA MET A 375 -17.63 9.46 -2.31
CA MET A 375 -17.58 9.43 -2.36
C MET A 375 -16.87 9.20 -1.04
N SER A 376 -16.18 10.22 -0.52
CA SER A 376 -15.46 10.05 0.76
C SER A 376 -15.51 11.31 1.64
N LYS A 377 -16.60 11.48 2.36
CA LYS A 377 -16.79 12.63 3.22
C LYS A 377 -16.81 12.16 4.67
N ILE A 378 -16.50 13.09 5.58
CA ILE A 378 -16.47 12.79 7.01
C ILE A 378 -17.21 13.87 7.74
N THR A 379 -18.23 13.49 8.48
CA THR A 379 -19.02 14.47 9.22
C THR A 379 -18.14 15.35 10.09
N GLY A 380 -18.30 16.65 9.96
CA GLY A 380 -17.52 17.59 10.73
C GLY A 380 -16.30 18.11 10.01
N ALA A 381 -15.89 17.51 8.89
CA ALA A 381 -14.78 18.01 8.09
C ALA A 381 -15.32 19.01 7.09
N THR A 382 -14.45 19.91 6.66
CA THR A 382 -14.79 20.81 5.58
CA THR A 382 -14.82 20.80 5.58
C THR A 382 -14.58 20.10 4.24
N HIS A 383 -15.53 20.21 3.31
CA HIS A 383 -15.41 19.59 2.00
C HIS A 383 -15.03 20.67 0.96
N VAL A 384 -14.07 20.32 0.11
CA VAL A 384 -13.77 21.02 -1.17
C VAL A 384 -14.00 20.09 -2.37
N ASN A 385 -14.87 20.49 -3.29
N ASN A 385 -15.03 20.38 -3.15
CA ASN A 385 -15.23 19.63 -4.42
CA ASN A 385 -15.07 19.69 -4.40
C ASN A 385 -14.14 19.66 -5.51
C ASN A 385 -13.76 20.01 -5.10
N PHE A 386 -13.05 18.90 -5.30
CA PHE A 386 -11.95 18.86 -6.26
C PHE A 386 -12.41 18.39 -7.65
N ALA A 387 -12.02 19.16 -8.65
CA ALA A 387 -12.19 18.71 -10.01
C ALA A 387 -10.87 18.96 -10.72
N GLU A 388 -10.47 18.04 -11.62
CA GLU A 388 -9.23 18.22 -12.35
CA GLU A 388 -9.25 18.22 -12.41
C GLU A 388 -9.18 19.58 -13.07
N GLU A 389 -10.29 19.94 -13.73
CA GLU A 389 -10.34 21.16 -14.52
C GLU A 389 -10.04 22.38 -13.66
N ALA A 390 -10.22 22.22 -12.36
CA ALA A 390 -10.09 23.33 -11.44
C ALA A 390 -9.01 23.09 -10.38
N ALA A 391 -8.06 22.22 -10.71
CA ALA A 391 -7.16 21.66 -9.69
C ALA A 391 -6.36 22.77 -9.02
N VAL A 392 -5.90 23.76 -9.80
CA VAL A 392 -5.08 24.79 -9.20
C VAL A 392 -5.86 25.69 -8.28
N GLU A 393 -7.02 26.16 -8.74
CA GLU A 393 -7.87 26.96 -7.87
C GLU A 393 -8.35 26.20 -6.62
N ASN A 394 -8.60 24.89 -6.72
CA ASN A 394 -8.88 24.10 -5.49
C ASN A 394 -7.71 24.10 -4.53
N ALA A 395 -6.54 23.75 -5.06
CA ALA A 395 -5.33 23.77 -4.25
C ALA A 395 -5.16 25.07 -3.50
N LYS A 396 -5.34 26.20 -4.18
CA LYS A 396 -5.12 27.48 -3.55
C LYS A 396 -6.17 27.74 -2.47
N GLN A 397 -7.42 27.36 -2.74
CA GLN A 397 -8.44 27.50 -1.72
C GLN A 397 -8.05 26.72 -0.46
N ILE A 398 -7.64 25.47 -0.65
CA ILE A 398 -7.25 24.58 0.45
C ILE A 398 -6.06 25.10 1.24
N LEU A 399 -5.03 25.53 0.51
CA LEU A 399 -3.84 26.06 1.14
C LEU A 399 -4.10 27.39 1.88
N ARG A 400 -5.07 28.15 1.37
CA ARG A 400 -5.46 29.37 2.06
CA ARG A 400 -5.51 29.38 2.03
C ARG A 400 -6.26 29.12 3.33
N LEU A 401 -6.98 27.99 3.42
CA LEU A 401 -7.54 27.59 4.71
C LEU A 401 -6.40 27.22 5.67
N ALA A 402 -5.39 26.53 5.16
CA ALA A 402 -4.29 26.15 6.01
C ALA A 402 -3.55 27.37 6.54
N ILE A 403 -3.29 28.34 5.67
CA ILE A 403 -2.60 29.56 6.12
C ILE A 403 -3.40 30.32 7.19
N ASP A 404 -4.70 30.35 7.01
CA ASP A 404 -5.58 30.92 8.01
C ASP A 404 -5.49 30.18 9.33
N THR A 405 -5.35 28.86 9.27
CA THR A 405 -5.18 28.06 10.48
C THR A 405 -3.83 28.24 11.16
N PHE A 406 -2.77 28.36 10.37
CA PHE A 406 -1.48 28.77 10.91
C PHE A 406 -1.61 30.09 11.70
N LYS A 407 -2.26 31.08 11.10
CA LYS A 407 -2.33 32.39 11.76
C LYS A 407 -3.08 32.25 13.08
N ARG A 408 -4.07 31.37 13.13
CA ARG A 408 -4.89 31.20 14.34
C ARG A 408 -4.08 30.64 15.50
N ARG A 409 -2.98 29.95 15.22
CA ARG A 409 -2.14 29.40 16.28
C ARG A 409 -0.89 30.23 16.56
N LYS A 410 -0.91 31.47 16.09
CA LYS A 410 0.03 32.48 16.58
C LYS A 410 0.03 32.49 18.11
N GLY A 411 1.19 32.17 18.67
CA GLY A 411 1.40 32.23 20.12
C GLY A 411 0.84 31.04 20.88
N LYS A 412 0.67 29.94 20.17
CA LYS A 412 0.25 28.69 20.79
C LYS A 412 1.47 27.77 20.86
N PRO A 413 1.86 27.35 22.09
CA PRO A 413 2.98 26.42 22.08
C PRO A 413 2.59 25.16 21.28
N VAL A 414 3.56 24.57 20.57
CA VAL A 414 3.31 23.26 19.93
C VAL A 414 4.32 22.25 20.47
N GLU A 415 4.01 20.96 20.39
CA GLU A 415 4.91 19.92 20.84
C GLU A 415 5.13 18.99 19.65
N ILE A 416 6.16 19.32 18.91
CA ILE A 416 6.62 18.44 17.81
C ILE A 416 7.80 17.64 18.30
N PRO A 417 7.67 16.28 18.41
CA PRO A 417 8.79 15.53 18.90
C PRO A 417 9.95 15.77 17.94
N ASN A 418 11.13 15.96 18.49
CA ASN A 418 12.26 16.28 17.66
C ASN A 418 12.94 15.03 17.09
N ILE A 419 12.13 14.25 16.37
CA ILE A 419 12.46 12.87 16.08
C ILE A 419 12.17 12.62 14.60
N LYS A 420 13.23 12.41 13.84
CA LYS A 420 13.08 12.06 12.44
C LYS A 420 14.21 11.19 11.96
N THR A 421 13.96 10.49 10.86
CA THR A 421 14.99 9.68 10.21
C THR A 421 15.23 10.17 8.80
N LYS A 422 16.44 9.90 8.28
CA LYS A 422 16.72 10.06 6.88
CA LYS A 422 16.75 10.06 6.87
C LYS A 422 16.20 8.90 6.06
N VAL A 423 15.62 9.24 4.92
CA VAL A 423 14.99 8.24 4.04
C VAL A 423 15.47 8.40 2.62
N VAL A 424 16.07 7.36 2.09
CA VAL A 424 16.33 7.24 0.66
C VAL A 424 15.27 6.31 0.06
N ALA A 425 14.59 6.79 -0.95
CA ALA A 425 13.44 6.08 -1.53
C ALA A 425 13.38 6.32 -3.05
N GLY A 426 12.24 6.04 -3.70
CA GLY A 426 12.07 6.25 -5.16
C GLY A 426 12.52 5.04 -5.97
N PHE A 427 12.53 3.84 -5.38
CA PHE A 427 12.96 2.65 -6.10
C PHE A 427 11.80 1.99 -6.82
N SER A 428 11.34 2.67 -7.85
CA SER A 428 10.53 2.03 -8.85
C SER A 428 11.28 0.85 -9.49
N THR A 429 10.56 -0.02 -10.18
CA THR A 429 11.20 -1.11 -10.90
CA THR A 429 11.27 -1.11 -10.83
C THR A 429 12.18 -0.62 -11.97
N GLU A 430 11.77 0.44 -12.67
CA GLU A 430 12.66 1.07 -13.61
C GLU A 430 13.90 1.59 -12.91
N ALA A 431 13.77 2.21 -11.76
CA ALA A 431 14.91 2.69 -11.00
C ALA A 431 15.82 1.57 -10.58
N ILE A 432 15.26 0.45 -10.14
CA ILE A 432 16.07 -0.63 -9.66
C ILE A 432 16.81 -1.25 -10.85
N ILE A 433 16.11 -1.41 -11.96
CA ILE A 433 16.77 -1.90 -13.18
C ILE A 433 17.88 -0.94 -13.62
N ASN A 434 17.64 0.37 -13.58
CA ASN A 434 18.68 1.32 -13.94
C ASN A 434 19.86 1.18 -13.03
N ALA A 435 19.63 1.05 -11.73
CA ALA A 435 20.69 0.98 -10.78
C ALA A 435 21.54 -0.25 -11.03
N LEU A 436 20.87 -1.37 -11.27
CA LEU A 436 21.58 -2.60 -11.57
C LEU A 436 22.36 -2.45 -12.89
N SER A 437 21.78 -1.73 -13.84
CA SER A 437 22.41 -1.61 -15.16
C SER A 437 23.83 -1.04 -15.06
N LYS A 438 24.10 -0.28 -13.99
CA LYS A 438 25.44 0.29 -13.82
C LYS A 438 26.46 -0.81 -13.61
N LEU A 439 26.00 -1.99 -13.24
CA LEU A 439 26.83 -3.16 -13.14
C LEU A 439 26.80 -4.05 -14.38
N ASN A 440 25.74 -3.98 -15.17
CA ASN A 440 25.67 -4.77 -16.40
C ASN A 440 24.67 -4.13 -17.33
N ALA A 441 25.17 -3.31 -18.25
CA ALA A 441 24.36 -2.39 -18.95
C ALA A 441 23.29 -3.07 -19.75
N ASN A 442 23.65 -4.16 -20.42
CA ASN A 442 22.74 -4.79 -21.37
CA ASN A 442 22.74 -4.79 -21.37
C ASN A 442 22.05 -6.06 -20.85
N ASP A 443 22.32 -6.39 -19.61
CA ASP A 443 21.59 -7.49 -18.90
C ASP A 443 21.46 -7.09 -17.43
N PRO A 444 20.63 -6.07 -17.15
CA PRO A 444 20.63 -5.46 -15.82
C PRO A 444 20.14 -6.42 -14.70
N LEU A 445 19.28 -7.37 -15.04
CA LEU A 445 18.85 -8.29 -14.00
C LEU A 445 19.93 -9.28 -13.60
N LYS A 446 20.85 -9.56 -14.52
CA LYS A 446 21.86 -10.58 -14.28
C LYS A 446 22.68 -10.38 -12.99
N PRO A 447 23.10 -9.15 -12.67
CA PRO A 447 23.87 -9.02 -11.42
C PRO A 447 23.06 -9.34 -10.17
N LEU A 448 21.75 -9.11 -10.24
CA LEU A 448 20.94 -9.54 -9.12
C LEU A 448 20.82 -11.06 -9.04
N ILE A 449 20.57 -11.72 -10.18
CA ILE A 449 20.45 -13.16 -10.25
C ILE A 449 21.77 -13.79 -9.82
N ASP A 450 22.87 -13.25 -10.31
CA ASP A 450 24.21 -13.76 -9.95
C ASP A 450 24.40 -13.83 -8.46
N ASN A 451 23.91 -12.81 -7.76
CA ASN A 451 24.09 -12.75 -6.33
C ASN A 451 23.07 -13.52 -5.53
N VAL A 452 21.92 -13.83 -6.14
CA VAL A 452 21.04 -14.87 -5.60
C VAL A 452 21.69 -16.23 -5.70
N VAL A 453 22.24 -16.53 -6.87
CA VAL A 453 22.85 -17.81 -7.12
C VAL A 453 24.06 -18.04 -6.23
N ASN A 454 24.88 -17.02 -6.02
CA ASN A 454 26.05 -17.20 -5.15
C ASN A 454 25.79 -17.02 -3.67
N GLY A 455 24.55 -16.71 -3.30
CA GLY A 455 24.19 -16.69 -1.86
C GLY A 455 24.43 -15.36 -1.18
N ASN A 456 24.93 -14.37 -1.90
CA ASN A 456 24.99 -13.04 -1.33
C ASN A 456 23.62 -12.49 -1.04
N ILE A 457 22.69 -12.74 -1.95
CA ILE A 457 21.27 -12.49 -1.73
C ILE A 457 20.56 -13.81 -1.56
N ARG A 458 19.94 -14.00 -0.41
CA ARG A 458 19.31 -15.29 -0.14
C ARG A 458 18.01 -15.39 -0.94
N GLY A 459 17.26 -14.28 -0.94
CA GLY A 459 16.01 -14.18 -1.67
C GLY A 459 15.49 -12.76 -1.54
N VAL A 460 14.21 -12.58 -1.85
CA VAL A 460 13.59 -11.25 -1.81
C VAL A 460 12.36 -11.38 -0.90
N CYS A 461 12.17 -10.40 -0.02
CA CYS A 461 10.93 -10.31 0.76
C CYS A 461 10.33 -8.93 0.50
N LEU A 462 9.05 -8.93 0.16
CA LEU A 462 8.26 -7.71 0.08
C LEU A 462 7.41 -7.55 1.35
N PHE A 463 7.72 -6.52 2.12
CA PHE A 463 6.84 -6.05 3.21
C PHE A 463 5.79 -5.14 2.61
N ALA A 464 4.54 -5.37 3.05
CA ALA A 464 3.45 -4.66 2.49
C ALA A 464 2.40 -4.44 3.57
N GLY A 465 1.47 -3.57 3.28
CA GLY A 465 0.31 -3.45 4.12
C GLY A 465 0.53 -2.56 5.32
N CYS A 466 -0.45 -2.67 6.18
CA CYS A 466 -0.79 -1.68 7.21
C CYS A 466 0.02 -1.84 8.49
N ASN A 467 -0.28 -0.98 9.47
CA ASN A 467 -0.21 -1.30 10.89
C ASN A 467 -1.62 -1.65 11.39
N ASN A 468 -1.68 -2.28 12.55
CA ASN A 468 -2.92 -2.74 13.11
C ASN A 468 -2.86 -2.55 14.59
N VAL A 469 -3.84 -1.87 15.17
CA VAL A 469 -3.83 -1.55 16.62
C VAL A 469 -3.61 -2.78 17.51
N LYS A 470 -3.89 -3.98 17.03
CA LYS A 470 -3.71 -5.20 17.83
C LYS A 470 -2.24 -5.44 18.12
N VAL A 471 -1.39 -4.97 17.21
CA VAL A 471 0.04 -5.26 17.23
C VAL A 471 0.78 -3.97 17.60
N PRO A 472 1.67 -4.01 18.59
CA PRO A 472 2.42 -2.82 18.92
C PRO A 472 3.09 -2.23 17.69
N GLN A 473 2.81 -0.97 17.39
CA GLN A 473 3.03 -0.43 16.06
C GLN A 473 4.49 -0.63 15.61
N ASP A 474 4.65 -1.28 14.45
CA ASP A 474 5.90 -1.51 13.75
C ASP A 474 6.66 -2.73 14.27
N GLN A 475 6.22 -3.32 15.36
CA GLN A 475 7.00 -4.38 16.01
C GLN A 475 7.19 -5.56 15.09
N ASN A 476 6.16 -5.98 14.36
CA ASN A 476 6.33 -7.12 13.45
C ASN A 476 7.21 -6.77 12.26
N PHE A 477 6.96 -5.64 11.60
CA PHE A 477 7.80 -5.26 10.46
C PHE A 477 9.26 -5.22 10.89
N THR A 478 9.59 -4.54 11.98
CA THR A 478 11.02 -4.37 12.29
C THR A 478 11.65 -5.66 12.79
N THR A 479 10.90 -6.43 13.56
CA THR A 479 11.43 -7.67 14.09
C THR A 479 11.73 -8.63 12.93
N ILE A 480 10.77 -8.79 12.04
CA ILE A 480 10.96 -9.70 10.91
C ILE A 480 12.05 -9.16 9.99
N ALA A 481 11.99 -7.89 9.62
CA ALA A 481 12.97 -7.31 8.70
C ALA A 481 14.38 -7.49 9.25
N ARG A 482 14.56 -7.28 10.56
CA ARG A 482 15.91 -7.38 11.12
C ARG A 482 16.46 -8.80 10.96
N LYS A 483 15.66 -9.84 11.14
CA LYS A 483 16.11 -11.21 11.01
CA LYS A 483 16.11 -11.21 11.01
C LYS A 483 16.41 -11.52 9.55
N LEU A 484 15.55 -11.05 8.64
CA LEU A 484 15.75 -11.34 7.22
C LEU A 484 16.98 -10.63 6.69
N LEU A 485 17.19 -9.39 7.08
CA LEU A 485 18.34 -8.63 6.56
C LEU A 485 19.62 -9.30 7.02
N LYS A 486 19.66 -9.78 8.25
CA LYS A 486 20.86 -10.45 8.76
C LYS A 486 21.13 -11.72 7.99
N GLN A 487 20.08 -12.34 7.45
CA GLN A 487 20.19 -13.54 6.65
C GLN A 487 20.32 -13.28 5.15
N ASN A 488 20.66 -12.04 4.82
CA ASN A 488 20.99 -11.58 3.48
C ASN A 488 19.81 -11.58 2.50
N VAL A 489 18.61 -11.39 3.03
CA VAL A 489 17.45 -11.21 2.17
C VAL A 489 17.38 -9.76 1.65
N LEU A 490 17.15 -9.57 0.35
CA LEU A 490 16.86 -8.29 -0.24
C LEU A 490 15.44 -7.90 0.08
N VAL A 491 15.31 -6.87 0.89
CA VAL A 491 13.98 -6.48 1.40
CA VAL A 491 14.00 -6.48 1.41
C VAL A 491 13.52 -5.22 0.71
N VAL A 492 12.32 -5.31 0.15
CA VAL A 492 11.62 -4.25 -0.54
C VAL A 492 10.34 -4.03 0.25
N ALA A 493 9.78 -2.84 0.15
CA ALA A 493 8.63 -2.46 0.98
C ALA A 493 7.80 -1.47 0.27
N THR A 494 6.52 -1.47 0.65
CA THR A 494 5.54 -0.51 0.14
C THR A 494 4.60 -0.12 1.30
N GLY A 495 3.79 0.89 1.03
CA GLY A 495 2.73 1.27 1.92
C GLY A 495 3.23 1.56 3.29
N CYS A 496 2.46 1.10 4.28
CA CYS A 496 2.81 1.46 5.64
CA CYS A 496 2.74 1.32 5.71
C CYS A 496 3.81 0.43 6.21
N GLY A 497 4.16 -0.57 5.42
CA GLY A 497 5.32 -1.40 5.75
C GLY A 497 6.58 -0.63 5.43
N ALA A 498 6.57 0.07 4.29
CA ALA A 498 7.64 1.01 4.03
C ALA A 498 7.66 2.12 5.06
N GLY A 499 6.48 2.57 5.49
CA GLY A 499 6.43 3.59 6.50
C GLY A 499 7.08 3.18 7.80
N ALA A 500 6.73 2.00 8.25
CA ALA A 500 7.31 1.45 9.46
C ALA A 500 8.83 1.43 9.35
N LEU A 501 9.30 0.80 8.29
CA LEU A 501 10.70 0.66 8.08
C LEU A 501 11.38 2.01 7.95
N MET A 502 10.80 2.99 7.25
CA MET A 502 11.50 4.24 7.11
CA MET A 502 11.40 4.31 7.07
C MET A 502 11.59 4.96 8.47
N ARG A 503 10.53 4.92 9.27
CA ARG A 503 10.56 5.65 10.55
C ARG A 503 11.50 5.01 11.55
N HIS A 504 11.95 3.77 11.30
CA HIS A 504 12.87 3.11 12.19
C HIS A 504 14.27 3.03 11.62
N GLY A 505 14.51 3.77 10.58
CA GLY A 505 15.87 3.88 10.07
C GLY A 505 16.27 2.95 8.96
N PHE A 506 15.34 2.14 8.45
CA PHE A 506 15.70 1.08 7.51
C PHE A 506 15.91 1.59 6.12
N MET A 507 15.63 2.85 5.86
CA MET A 507 15.87 3.49 4.56
CA MET A 507 15.94 3.42 4.55
C MET A 507 17.04 4.45 4.59
N ASP A 508 17.82 4.44 5.66
CA ASP A 508 19.02 5.25 5.77
C ASP A 508 20.23 4.36 5.49
N PRO A 509 20.95 4.65 4.38
CA PRO A 509 22.15 3.85 4.07
C PRO A 509 23.24 3.85 5.12
N ALA A 510 23.23 4.85 6.02
CA ALA A 510 24.13 4.83 7.19
C ALA A 510 23.92 3.64 8.09
N ASN A 511 22.75 2.99 8.02
CA ASN A 511 22.45 1.85 8.87
C ASN A 511 22.71 0.48 8.25
N VAL A 512 23.28 0.46 7.04
CA VAL A 512 23.58 -0.78 6.33
C VAL A 512 24.52 -1.70 7.13
N ASP A 513 25.58 -1.15 7.73
CA ASP A 513 26.51 -2.00 8.46
CA ASP A 513 26.53 -1.96 8.50
C ASP A 513 25.81 -2.69 9.61
N GLU A 514 25.00 -1.95 10.34
CA GLU A 514 24.34 -2.46 11.53
C GLU A 514 23.29 -3.51 11.18
N LEU A 515 22.52 -3.27 10.11
CA LEU A 515 21.34 -4.09 9.82
C LEU A 515 21.57 -5.30 8.88
N CYS A 516 22.54 -5.18 7.97
CA CYS A 516 22.59 -6.10 6.84
C CYS A 516 23.63 -7.18 7.04
N GLY A 517 23.32 -8.41 6.64
CA GLY A 517 24.32 -9.45 6.52
C GLY A 517 25.42 -9.05 5.58
N ASP A 518 26.52 -9.76 5.65
CA ASP A 518 27.70 -9.41 4.88
C ASP A 518 27.49 -9.52 3.38
N GLY A 519 26.76 -10.55 2.95
CA GLY A 519 26.43 -10.71 1.53
C GLY A 519 25.51 -9.67 0.94
N LEU A 520 24.51 -9.27 1.73
CA LEU A 520 23.63 -8.23 1.30
C LEU A 520 24.35 -6.90 1.29
N LYS A 521 25.15 -6.68 2.33
CA LYS A 521 25.89 -5.44 2.39
C LYS A 521 26.84 -5.25 1.19
N ALA A 522 27.50 -6.33 0.78
CA ALA A 522 28.40 -6.31 -0.38
C ALA A 522 27.65 -5.93 -1.67
N VAL A 523 26.43 -6.45 -1.82
CA VAL A 523 25.62 -6.18 -2.98
C VAL A 523 25.11 -4.76 -2.98
N LEU A 524 24.53 -4.33 -1.85
CA LEU A 524 24.05 -2.97 -1.75
C LEU A 524 25.17 -1.98 -2.01
N THR A 525 26.34 -2.31 -1.50
CA THR A 525 27.53 -1.44 -1.67
C THR A 525 28.03 -1.40 -3.10
N ALA A 526 28.08 -2.57 -3.72
CA ALA A 526 28.50 -2.65 -5.12
C ALA A 526 27.56 -1.85 -6.02
N ILE A 527 26.25 -2.01 -5.80
CA ILE A 527 25.32 -1.23 -6.61
C ILE A 527 25.47 0.26 -6.36
N GLY A 528 25.49 0.65 -5.09
CA GLY A 528 25.60 2.05 -4.73
C GLY A 528 26.87 2.72 -5.23
N GLU A 529 27.97 2.00 -5.17
CA GLU A 529 29.25 2.54 -5.70
C GLU A 529 29.27 2.68 -7.21
N ALA A 530 28.49 1.85 -7.89
CA ALA A 530 28.42 1.90 -9.34
C ALA A 530 27.51 3.03 -9.75
N ASN A 531 26.69 3.50 -8.81
CA ASN A 531 25.74 4.54 -9.10
C ASN A 531 26.30 5.88 -8.62
N GLY A 532 27.58 5.87 -8.23
CA GLY A 532 28.31 7.08 -7.87
C GLY A 532 28.07 7.59 -6.45
N LEU A 533 27.58 6.72 -5.57
CA LEU A 533 27.05 7.18 -4.28
C LEU A 533 28.16 7.38 -3.26
N GLY A 534 29.26 6.65 -3.45
CA GLY A 534 30.31 6.58 -2.43
C GLY A 534 29.85 5.78 -1.23
N GLY A 535 28.79 4.99 -1.43
N GLY A 535 28.82 4.97 -1.48
CA GLY A 535 28.39 4.00 -0.43
CA GLY A 535 28.31 4.05 -0.48
C GLY A 535 27.23 3.18 -0.94
C GLY A 535 26.91 3.60 -0.81
N PRO A 536 26.41 2.66 -0.01
CA PRO A 536 25.41 1.67 -0.43
C PRO A 536 24.03 2.25 -0.66
N LEU A 537 23.26 1.51 -1.43
CA LEU A 537 21.83 1.57 -1.36
C LEU A 537 21.40 1.41 0.09
N PRO A 538 20.18 1.89 0.39
CA PRO A 538 19.69 1.69 1.75
C PRO A 538 19.40 0.25 2.07
N PRO A 539 19.22 -0.09 3.36
CA PRO A 539 18.95 -1.45 3.72
C PRO A 539 17.73 -2.05 3.06
N VAL A 540 16.70 -1.21 2.94
CA VAL A 540 15.38 -1.62 2.43
C VAL A 540 15.01 -0.71 1.28
N LEU A 541 14.58 -1.27 0.14
CA LEU A 541 14.21 -0.46 -1.01
C LEU A 541 12.71 -0.17 -0.98
N HIS A 542 12.41 1.10 -0.93
CA HIS A 542 11.04 1.62 -0.94
C HIS A 542 10.54 1.64 -2.36
N MET A 543 9.59 0.78 -2.67
CA MET A 543 8.98 0.66 -4.00
C MET A 543 7.65 1.35 -4.12
N GLY A 544 7.22 2.01 -3.03
CA GLY A 544 6.17 3.03 -3.16
C GLY A 544 4.92 2.75 -2.34
N SER A 545 3.80 3.18 -2.90
CA SER A 545 2.50 3.05 -2.29
C SER A 545 1.95 1.62 -2.35
N CYS A 546 0.75 1.41 -1.81
CA CYS A 546 0.15 0.07 -1.88
C CYS A 546 -0.21 -0.37 -3.32
N VAL A 547 -0.70 0.52 -4.18
CA VAL A 547 -0.85 0.08 -5.58
C VAL A 547 0.51 -0.32 -6.17
N ASP A 548 1.56 0.36 -5.73
CA ASP A 548 2.91 0.04 -6.21
C ASP A 548 3.50 -1.25 -5.65
N ASN A 549 2.70 -2.04 -4.93
CA ASN A 549 2.99 -3.46 -4.88
C ASN A 549 3.11 -4.03 -6.29
N SER A 550 2.40 -3.44 -7.23
CA SER A 550 2.48 -3.91 -8.60
C SER A 550 3.90 -3.78 -9.14
N ARG A 551 4.65 -2.81 -8.63
CA ARG A 551 6.02 -2.65 -9.11
C ARG A 551 6.82 -3.88 -8.68
N ALA A 552 6.60 -4.39 -7.48
CA ALA A 552 7.25 -5.62 -7.09
C ALA A 552 6.86 -6.77 -8.03
N VAL A 553 5.59 -6.86 -8.42
CA VAL A 553 5.18 -7.85 -9.41
C VAL A 553 6.01 -7.64 -10.67
N ALA A 554 6.11 -6.39 -11.15
CA ALA A 554 6.85 -6.18 -12.41
C ALA A 554 8.26 -6.65 -12.30
N LEU A 555 8.88 -6.40 -11.16
CA LEU A 555 10.27 -6.82 -10.92
C LEU A 555 10.39 -8.34 -10.91
N VAL A 556 9.51 -9.02 -10.17
CA VAL A 556 9.56 -10.46 -10.03
CA VAL A 556 9.66 -10.44 -10.07
C VAL A 556 9.16 -11.16 -11.33
N ALA A 557 8.23 -10.57 -12.09
CA ALA A 557 7.85 -11.14 -13.38
C ALA A 557 9.03 -10.97 -14.35
N ALA A 558 9.75 -9.87 -14.28
CA ALA A 558 10.90 -9.66 -15.18
C ALA A 558 11.98 -10.67 -14.82
N LEU A 559 12.23 -10.87 -13.55
CA LEU A 559 13.12 -11.93 -13.13
C LEU A 559 12.67 -13.29 -13.67
N ALA A 560 11.40 -13.63 -13.49
CA ALA A 560 10.86 -14.89 -13.99
C ALA A 560 11.15 -15.02 -15.49
N ASN A 561 10.81 -14.00 -16.29
CA ASN A 561 11.02 -14.02 -17.73
CA ASN A 561 11.01 -14.07 -17.71
C ASN A 561 12.48 -14.26 -18.05
N ARG A 562 13.35 -13.53 -17.38
CA ARG A 562 14.81 -13.64 -17.60
C ARG A 562 15.33 -15.03 -17.27
N LEU A 563 14.73 -15.70 -16.30
CA LEU A 563 15.15 -17.03 -15.89
C LEU A 563 14.40 -18.14 -16.64
N GLY A 564 13.33 -17.80 -17.33
CA GLY A 564 12.49 -18.83 -18.01
C GLY A 564 11.81 -19.79 -17.05
N VAL A 565 11.42 -19.27 -15.88
CA VAL A 565 10.63 -20.02 -14.91
C VAL A 565 9.52 -19.14 -14.40
N ASP A 566 8.59 -19.78 -13.69
CA ASP A 566 7.40 -19.07 -13.22
C ASP A 566 7.67 -18.62 -11.79
N LEU A 567 6.86 -17.69 -11.31
CA LEU A 567 7.11 -17.02 -10.06
C LEU A 567 7.13 -17.98 -8.86
N ASP A 568 6.40 -19.10 -8.97
CA ASP A 568 6.35 -20.07 -7.88
C ASP A 568 7.56 -21.00 -7.83
N ARG A 569 8.59 -20.63 -8.60
CA ARG A 569 9.89 -21.24 -8.41
C ARG A 569 10.95 -20.25 -7.89
N LEU A 570 10.62 -18.96 -7.85
CA LEU A 570 11.59 -17.96 -7.39
C LEU A 570 11.64 -17.86 -5.87
N PRO A 571 12.80 -17.48 -5.30
CA PRO A 571 12.94 -17.31 -3.88
C PRO A 571 12.51 -15.90 -3.44
N VAL A 572 11.20 -15.71 -3.53
CA VAL A 572 10.51 -14.45 -3.33
C VAL A 572 9.31 -14.76 -2.46
N VAL A 573 9.21 -14.00 -1.36
CA VAL A 573 8.10 -14.12 -0.45
C VAL A 573 7.53 -12.72 -0.20
N ALA A 574 6.39 -12.69 0.50
CA ALA A 574 5.74 -11.43 0.88
C ALA A 574 5.27 -11.55 2.33
N SER A 575 5.29 -10.41 3.01
CA SER A 575 4.78 -10.31 4.40
C SER A 575 3.90 -9.10 4.63
N ALA A 576 2.62 -9.36 4.87
CA ALA A 576 1.73 -8.32 5.35
C ALA A 576 1.69 -8.37 6.87
N ALA A 577 2.76 -7.88 7.50
CA ALA A 577 3.11 -8.27 8.86
C ALA A 577 2.19 -7.73 9.93
N GLU A 578 1.44 -6.69 9.57
CA GLU A 578 0.55 -6.01 10.52
C GLU A 578 -0.77 -5.58 9.86
N ALA A 579 -1.26 -6.43 8.96
CA ALA A 579 -2.29 -6.07 8.02
C ALA A 579 -3.54 -5.57 8.75
N MET A 580 -4.28 -4.71 8.06
CA MET A 580 -5.51 -4.14 8.59
C MET A 580 -6.63 -4.11 7.51
N HIS A 581 -6.37 -3.43 6.42
CA HIS A 581 -7.42 -3.06 5.51
C HIS A 581 -7.88 -4.26 4.67
N GLU A 582 -9.10 -4.18 4.13
CA GLU A 582 -9.53 -5.15 3.12
C GLU A 582 -8.56 -5.15 1.94
N LYS A 583 -8.05 -3.97 1.57
CA LYS A 583 -7.08 -3.89 0.46
C LYS A 583 -5.93 -4.82 0.74
N ALA A 584 -5.45 -4.85 1.98
CA ALA A 584 -4.31 -5.67 2.32
C ALA A 584 -4.65 -7.17 2.18
N VAL A 585 -5.87 -7.57 2.55
CA VAL A 585 -6.33 -8.92 2.31
C VAL A 585 -6.31 -9.27 0.81
N ALA A 586 -6.76 -8.34 -0.02
CA ALA A 586 -6.76 -8.56 -1.46
C ALA A 586 -5.33 -8.74 -1.95
N ILE A 587 -4.44 -7.85 -1.55
CA ILE A 587 -3.01 -7.91 -1.98
C ILE A 587 -2.40 -9.23 -1.50
N GLY A 588 -2.64 -9.65 -0.27
CA GLY A 588 -2.08 -10.91 0.19
C GLY A 588 -2.58 -12.06 -0.66
N THR A 589 -3.87 -11.99 -1.02
CA THR A 589 -4.49 -13.06 -1.78
C THR A 589 -3.96 -13.10 -3.21
N TRP A 590 -3.70 -11.97 -3.87
CA TRP A 590 -3.09 -12.09 -5.18
C TRP A 590 -1.64 -12.38 -5.09
N ALA A 591 -0.96 -12.08 -3.99
CA ALA A 591 0.42 -12.55 -3.82
C ALA A 591 0.45 -14.09 -3.81
N VAL A 592 -0.50 -14.74 -3.16
CA VAL A 592 -0.62 -16.20 -3.16
C VAL A 592 -1.01 -16.71 -4.55
N THR A 593 -1.89 -16.01 -5.23
CA THR A 593 -2.37 -16.43 -6.51
C THR A 593 -1.32 -16.38 -7.60
N ILE A 594 -0.43 -15.41 -7.55
CA ILE A 594 0.68 -15.33 -8.54
C ILE A 594 1.83 -16.24 -8.18
N GLY A 595 1.82 -16.87 -7.03
CA GLY A 595 2.71 -17.98 -6.72
C GLY A 595 3.66 -17.74 -5.53
N LEU A 596 3.37 -16.77 -4.66
CA LEU A 596 4.27 -16.42 -3.55
C LEU A 596 3.84 -17.02 -2.21
N PRO A 597 4.78 -17.53 -1.44
CA PRO A 597 4.52 -17.74 -0.01
C PRO A 597 4.34 -16.39 0.69
N THR A 598 3.19 -16.21 1.33
CA THR A 598 2.71 -14.90 1.75
C THR A 598 2.35 -14.94 3.23
N HIS A 599 3.13 -14.24 4.02
CA HIS A 599 2.91 -14.16 5.44
C HIS A 599 1.88 -13.09 5.77
N ILE A 600 0.99 -13.41 6.72
CA ILE A 600 0.11 -12.43 7.33
C ILE A 600 0.28 -12.52 8.84
N GLY A 601 0.53 -11.37 9.49
CA GLY A 601 0.95 -11.28 10.90
C GLY A 601 -0.16 -10.89 11.84
N VAL A 602 -1.38 -10.87 11.32
CA VAL A 602 -2.56 -10.75 12.15
CA VAL A 602 -2.60 -10.67 12.11
C VAL A 602 -3.50 -11.86 11.72
N LEU A 603 -4.42 -12.25 12.57
CA LEU A 603 -5.36 -13.33 12.22
CA LEU A 603 -5.36 -13.33 12.21
C LEU A 603 -6.44 -12.80 11.30
N PRO A 604 -6.56 -13.35 10.08
N PRO A 604 -6.50 -13.30 10.05
CA PRO A 604 -7.73 -13.07 9.30
CA PRO A 604 -7.66 -13.11 9.24
C PRO A 604 -8.84 -13.97 9.83
C PRO A 604 -8.81 -14.00 9.75
N PRO A 605 -10.09 -13.63 9.52
N PRO A 605 -10.05 -13.58 9.51
CA PRO A 605 -11.22 -14.31 10.17
CA PRO A 605 -11.15 -14.31 10.15
C PRO A 605 -11.51 -15.67 9.47
C PRO A 605 -11.46 -15.63 9.42
N ILE A 606 -10.58 -16.61 9.63
CA ILE A 606 -10.61 -17.84 8.90
C ILE A 606 -10.47 -19.03 9.87
N THR A 607 -10.13 -18.78 11.12
CA THR A 607 -9.74 -19.91 11.98
C THR A 607 -10.94 -20.75 12.40
N GLY A 608 -12.14 -20.20 12.25
CA GLY A 608 -13.33 -20.96 12.58
C GLY A 608 -13.66 -22.05 11.58
N SER A 609 -12.93 -22.14 10.48
CA SER A 609 -13.06 -23.26 9.59
C SER A 609 -11.76 -23.92 9.22
N LEU A 610 -11.51 -25.08 9.84
CA LEU A 610 -10.28 -25.80 9.48
C LEU A 610 -10.14 -26.14 8.01
N PRO A 611 -11.23 -26.51 7.33
CA PRO A 611 -11.06 -26.77 5.93
C PRO A 611 -10.70 -25.54 5.10
N VAL A 612 -11.23 -24.39 5.44
CA VAL A 612 -10.82 -23.20 4.68
C VAL A 612 -9.39 -22.81 5.02
N THR A 613 -9.03 -22.91 6.29
CA THR A 613 -7.67 -22.65 6.71
C THR A 613 -6.69 -23.53 5.95
N GLN A 614 -7.02 -24.80 5.83
CA GLN A 614 -6.17 -25.78 5.13
CA GLN A 614 -6.14 -25.76 5.15
C GLN A 614 -6.04 -25.46 3.65
N ILE A 615 -7.11 -24.98 3.05
CA ILE A 615 -7.01 -24.53 1.65
C ILE A 615 -6.02 -23.40 1.52
N LEU A 616 -6.20 -22.37 2.33
CA LEU A 616 -5.46 -21.11 2.18
C LEU A 616 -4.01 -21.27 2.57
N THR A 617 -3.70 -22.21 3.46
CA THR A 617 -2.36 -22.34 4.04
C THR A 617 -1.65 -23.57 3.50
N SER A 618 -2.32 -24.37 2.67
CA SER A 618 -1.76 -25.64 2.19
C SER A 618 -2.22 -26.03 0.79
N SER A 619 -3.48 -26.43 0.58
CA SER A 619 -3.81 -27.05 -0.68
CA SER A 619 -3.94 -27.03 -0.68
C SER A 619 -3.87 -26.07 -1.86
N VAL A 620 -3.88 -24.77 -1.56
CA VAL A 620 -3.79 -23.78 -2.64
C VAL A 620 -2.41 -23.82 -3.32
N LYS A 621 -1.44 -24.38 -2.63
CA LYS A 621 -0.12 -24.59 -3.26
C LYS A 621 -0.28 -25.38 -4.54
N ASP A 622 -1.15 -26.39 -4.49
CA ASP A 622 -1.34 -27.28 -5.63
C ASP A 622 -1.95 -26.61 -6.83
N ILE A 623 -2.62 -25.47 -6.59
CA ILE A 623 -3.29 -24.68 -7.62
C ILE A 623 -2.41 -23.56 -8.17
N THR A 624 -1.83 -22.74 -7.29
CA THR A 624 -1.09 -21.58 -7.73
C THR A 624 0.40 -21.61 -7.41
N GLY A 625 0.83 -22.51 -6.56
CA GLY A 625 2.18 -22.55 -6.03
C GLY A 625 2.42 -21.68 -4.80
N GLY A 626 1.53 -20.71 -4.58
CA GLY A 626 1.68 -19.84 -3.45
C GLY A 626 0.84 -20.35 -2.30
N TYR A 627 0.90 -19.67 -1.18
CA TYR A 627 0.18 -20.14 0.03
CA TYR A 627 0.10 -20.07 -0.02
C TYR A 627 0.34 -19.10 1.14
N PHE A 628 -0.67 -18.96 2.00
CA PHE A 628 -0.53 -18.13 3.17
C PHE A 628 0.27 -18.82 4.26
N ILE A 629 1.01 -18.00 5.02
CA ILE A 629 1.64 -18.36 6.27
C ILE A 629 1.04 -17.45 7.34
N VAL A 630 0.16 -17.98 8.19
CA VAL A 630 -0.49 -17.18 9.21
C VAL A 630 0.31 -17.33 10.48
N GLU A 631 0.99 -16.31 10.92
CA GLU A 631 1.86 -16.41 12.07
C GLU A 631 1.97 -15.11 12.84
N LEU A 632 1.39 -15.08 14.04
CA LEU A 632 1.37 -13.84 14.81
C LEU A 632 2.62 -13.50 15.59
N ASP A 633 3.47 -14.50 15.84
CA ASP A 633 4.75 -14.24 16.48
C ASP A 633 5.81 -13.86 15.47
N PRO A 634 6.36 -12.63 15.55
CA PRO A 634 7.18 -12.22 14.43
C PRO A 634 8.49 -12.97 14.33
N GLU A 635 9.08 -13.39 15.44
CA GLU A 635 10.29 -14.21 15.34
CA GLU A 635 10.29 -14.18 15.32
C GLU A 635 9.99 -15.49 14.61
N THR A 636 8.91 -16.14 14.98
CA THR A 636 8.46 -17.34 14.30
C THR A 636 8.13 -17.13 12.82
N ALA A 637 7.52 -15.98 12.52
CA ALA A 637 7.20 -15.64 11.14
C ALA A 637 8.47 -15.49 10.29
N ALA A 638 9.50 -14.89 10.87
CA ALA A 638 10.75 -14.68 10.14
C ALA A 638 11.36 -16.03 9.83
N ASP A 639 11.28 -16.96 10.77
CA ASP A 639 11.85 -18.29 10.50
C ASP A 639 11.07 -19.02 9.42
N LYS A 640 9.74 -18.89 9.44
CA LYS A 640 8.90 -19.53 8.44
C LYS A 640 9.14 -18.91 7.04
N LEU A 641 9.37 -17.60 6.98
CA LEU A 641 9.62 -16.91 5.73
C LEU A 641 11.00 -17.29 5.20
N LEU A 642 11.96 -17.41 6.10
CA LEU A 642 13.26 -17.93 5.67
C LEU A 642 13.17 -19.37 5.19
N ALA A 643 12.40 -20.21 5.86
CA ALA A 643 12.20 -21.56 5.39
C ALA A 643 11.59 -21.66 4.02
N ALA A 644 10.59 -20.80 3.74
CA ALA A 644 9.97 -20.73 2.44
C ALA A 644 11.01 -20.31 1.39
N ILE A 645 11.74 -19.22 1.66
CA ILE A 645 12.78 -18.77 0.72
C ILE A 645 13.76 -19.92 0.43
N ASN A 646 14.20 -20.59 1.48
CA ASN A 646 15.22 -21.64 1.34
C ASN A 646 14.69 -22.89 0.64
N GLU A 647 13.40 -23.16 0.78
CA GLU A 647 12.76 -24.22 0.02
CA GLU A 647 12.79 -24.23 0.02
C GLU A 647 12.74 -23.88 -1.46
N ARG A 648 12.52 -22.61 -1.80
CA ARG A 648 12.59 -22.20 -3.20
C ARG A 648 14.02 -22.31 -3.72
N ARG A 649 14.98 -21.84 -2.96
CA ARG A 649 16.38 -22.06 -3.34
C ARG A 649 16.69 -23.53 -3.63
N ALA A 650 16.27 -24.43 -2.74
CA ALA A 650 16.50 -25.87 -2.95
C ALA A 650 15.84 -26.39 -4.23
N GLY A 651 14.64 -25.93 -4.56
CA GLY A 651 13.96 -26.25 -5.78
C GLY A 651 14.69 -25.86 -7.05
N LEU A 652 15.49 -24.78 -6.98
CA LEU A 652 16.29 -24.33 -8.11
C LEU A 652 17.68 -24.96 -8.10
N GLY A 653 17.91 -25.85 -7.15
CA GLY A 653 19.21 -26.50 -7.01
C GLY A 653 20.31 -25.63 -6.42
N LEU A 654 19.94 -24.60 -5.66
CA LEU A 654 20.90 -23.67 -5.12
C LEU A 654 21.19 -24.03 -3.67
N PRO A 655 22.42 -23.78 -3.22
CA PRO A 655 22.73 -23.90 -1.80
C PRO A 655 21.80 -22.98 -0.99
N TRP A 656 21.65 -23.24 0.30
CA TRP A 656 20.96 -22.31 1.20
C TRP A 656 21.45 -22.47 2.63
#